data_7SAZ
#
_entry.id   7SAZ
#
_cell.length_a   1.00
_cell.length_b   1.00
_cell.length_c   1.00
_cell.angle_alpha   90.00
_cell.angle_beta   90.00
_cell.angle_gamma   90.00
#
_symmetry.space_group_name_H-M   'P 1'
#
loop_
_entity.id
_entity.type
_entity.pdbx_description
1 polymer GldM
2 polymer GldL
#
loop_
_entity_poly.entity_id
_entity_poly.type
_entity_poly.pdbx_seq_one_letter_code
_entity_poly.pdbx_strand_id
1 'polypeptide(L)'
;MAGGNSPRQKMINLMYLVFISMLALNMGKEVLSAFGLMNEKLEASNEKANNANINAIQALEQNNAENPDQFAEAFQKSKK
VKELSDSFYNYIEGIKGEVMNQVGEDKKDYQVMDKSDYLDQKFFVGDNYKPEGEEFVRQINDYKTQLVELLGGKEGTYGE
LVGKIDGNFNTNDVVDREGVTRKWLNYNFEGFPYIASVAKLSMMQSDIRATEQEVYAEMLKGQLKSQISMTNYTTLLEQS
KGAYYQGESFDGAIVLGRKDASTRPNEVELMLDGRKLSASEFQIEDGKVKLKVGAGNAGEHKITGNLYFDQDGKRIAVPV
SQVFSTIPKPENLYFQGQFGSWSHPQFEKGGGSGGGSGGGSWSHPQFEK
;
A,B
2 'polypeptide(L)'
;MAQSNKTTKKIFQMAYGIGASIVILGALFKILHWEIDFGGFKLGGGFLLAFGLITEAIIFFISAFEPVEEGYDWSLVYPE
LVGGEARQNQLVGRGVVSQLSEEDKAIKESLSEKLDNLLAEAQIDANLMHSLSASIQNFAGAAKEIAPVTDAMVSTHKYG
EELSMAAAHLESLNSLYKLQLERTENQVSAQAGVVDNLNSLNEQMMSFKDNLKSLNSVYGGMLSAMGK
;
C,D,E,F,G
#
# COMPACT_ATOMS: atom_id res chain seq x y z
N ASN A 5 -4.48 40.03 -1.81
CA ASN A 5 -3.75 39.85 -3.06
C ASN A 5 -4.66 39.28 -4.14
N SER A 6 -4.52 37.99 -4.40
CA SER A 6 -5.33 37.38 -5.44
C SER A 6 -6.10 36.18 -4.89
N PRO A 7 -7.36 35.99 -5.30
CA PRO A 7 -8.08 34.78 -4.90
C PRO A 7 -7.40 33.51 -5.37
N ARG A 8 -6.78 33.55 -6.55
CA ARG A 8 -6.06 32.37 -7.05
C ARG A 8 -4.85 32.06 -6.19
N GLN A 9 -4.19 33.10 -5.65
CA GLN A 9 -3.06 32.88 -4.75
C GLN A 9 -3.50 32.21 -3.45
N LYS A 10 -4.59 32.71 -2.84
CA LYS A 10 -5.11 32.03 -1.66
C LYS A 10 -5.59 30.62 -1.97
N MET A 11 -6.10 30.39 -3.19
CA MET A 11 -6.57 29.05 -3.46
C MET A 11 -5.43 28.08 -3.74
N ILE A 12 -4.34 28.54 -4.36
CA ILE A 12 -3.21 27.64 -4.54
C ILE A 12 -2.52 27.39 -3.21
N ASN A 13 -2.53 28.35 -2.28
CA ASN A 13 -1.94 28.02 -0.99
C ASN A 13 -2.87 27.19 -0.11
N LEU A 14 -4.18 27.27 -0.32
CA LEU A 14 -5.08 26.29 0.28
C LEU A 14 -4.80 24.89 -0.26
N MET A 15 -4.59 24.77 -1.58
CA MET A 15 -4.20 23.47 -2.12
C MET A 15 -2.85 23.01 -1.56
N TYR A 16 -1.94 23.95 -1.32
CA TYR A 16 -0.70 23.63 -0.62
C TYR A 16 -0.99 22.99 0.73
N LEU A 17 -1.82 23.65 1.54
CA LEU A 17 -2.14 23.12 2.86
C LEU A 17 -2.83 21.77 2.78
N VAL A 18 -3.73 21.61 1.80
CA VAL A 18 -4.48 20.36 1.67
C VAL A 18 -3.54 19.22 1.29
N PHE A 19 -2.66 19.45 0.32
CA PHE A 19 -1.82 18.38 -0.21
C PHE A 19 -0.58 18.12 0.64
N ILE A 20 -0.22 19.04 1.55
CA ILE A 20 0.88 18.72 2.45
C ILE A 20 0.37 17.85 3.58
N SER A 21 -0.90 17.98 3.94
CA SER A 21 -1.52 17.07 4.90
C SER A 21 -1.92 15.74 4.27
N MET A 22 -1.98 15.67 2.94
CA MET A 22 -2.15 14.39 2.26
C MET A 22 -0.89 13.54 2.28
N LEU A 23 0.24 14.09 2.76
CA LEU A 23 1.39 13.25 3.07
C LEU A 23 1.05 12.25 4.17
N ALA A 24 0.05 12.56 4.99
CA ALA A 24 -0.41 11.66 6.05
C ALA A 24 -1.46 10.68 5.55
N LEU A 25 -1.77 10.69 4.26
CA LEU A 25 -2.73 9.74 3.70
C LEU A 25 -2.02 8.42 3.46
N ASN A 26 -2.42 7.40 4.18
CA ASN A 26 -1.88 6.06 4.06
C ASN A 26 -3.04 5.08 3.90
N MET A 27 -2.72 3.79 3.95
CA MET A 27 -3.77 2.79 3.97
C MET A 27 -4.54 2.90 5.28
N GLY A 28 -5.82 2.54 5.24
CA GLY A 28 -6.61 2.55 6.44
C GLY A 28 -6.17 1.47 7.41
N LYS A 29 -6.77 1.49 8.60
CA LYS A 29 -6.44 0.49 9.59
C LYS A 29 -6.92 -0.89 9.17
N GLU A 30 -7.97 -0.96 8.35
CA GLU A 30 -8.47 -2.25 7.89
C GLU A 30 -7.52 -2.89 6.88
N VAL A 31 -6.96 -2.09 5.98
CA VAL A 31 -5.99 -2.63 5.03
C VAL A 31 -4.74 -3.12 5.75
N LEU A 32 -4.28 -2.37 6.76
CA LEU A 32 -3.11 -2.79 7.51
C LEU A 32 -3.39 -4.02 8.35
N SER A 33 -4.59 -4.12 8.92
CA SER A 33 -4.95 -5.34 9.64
C SER A 33 -5.03 -6.54 8.70
N ALA A 34 -5.55 -6.34 7.50
CA ALA A 34 -5.58 -7.40 6.51
C ALA A 34 -4.17 -7.83 6.12
N PHE A 35 -3.26 -6.86 5.94
CA PHE A 35 -1.88 -7.19 5.61
C PHE A 35 -1.21 -7.95 6.74
N GLY A 36 -1.45 -7.53 7.98
CA GLY A 36 -0.85 -8.22 9.12
C GLY A 36 -1.40 -9.63 9.30
N LEU A 37 -2.70 -9.80 9.10
CA LEU A 37 -3.28 -11.13 9.21
C LEU A 37 -2.81 -12.02 8.08
N MET A 38 -2.68 -11.48 6.87
CA MET A 38 -2.09 -12.23 5.77
C MET A 38 -0.66 -12.63 6.09
N ASN A 39 0.09 -11.74 6.73
CA ASN A 39 1.45 -12.06 7.12
C ASN A 39 1.48 -13.19 8.15
N GLU A 40 0.57 -13.16 9.13
CA GLU A 40 0.50 -14.24 10.11
C GLU A 40 0.18 -15.57 9.45
N LYS A 41 -0.83 -15.58 8.58
CA LYS A 41 -1.22 -16.81 7.91
C LYS A 41 -0.09 -17.30 7.00
N LEU A 42 0.58 -16.37 6.31
CA LEU A 42 1.69 -16.72 5.44
C LEU A 42 2.84 -17.33 6.22
N GLU A 43 3.17 -16.77 7.37
CA GLU A 43 4.26 -17.31 8.18
C GLU A 43 3.90 -18.69 8.72
N ALA A 44 2.66 -18.89 9.16
CA ALA A 44 2.26 -20.20 9.63
C ALA A 44 2.31 -21.23 8.50
N SER A 45 1.79 -20.87 7.32
CA SER A 45 1.84 -21.79 6.19
C SER A 45 3.27 -22.02 5.73
N ASN A 46 4.15 -21.03 5.88
CA ASN A 46 5.54 -21.21 5.51
C ASN A 46 6.24 -22.18 6.45
N GLU A 47 5.94 -22.10 7.75
CA GLU A 47 6.53 -23.05 8.68
C GLU A 47 6.02 -24.46 8.39
N LYS A 48 4.72 -24.60 8.10
CA LYS A 48 4.19 -25.90 7.67
C LYS A 48 4.87 -26.39 6.40
N ALA A 49 5.09 -25.48 5.44
CA ALA A 49 5.72 -25.86 4.18
C ALA A 49 7.16 -26.31 4.41
N ASN A 50 7.89 -25.60 5.26
CA ASN A 50 9.26 -26.01 5.57
C ASN A 50 9.30 -27.36 6.24
N ASN A 51 8.35 -27.62 7.15
CA ASN A 51 8.30 -28.94 7.78
C ASN A 51 8.00 -30.02 6.75
N ALA A 52 7.09 -29.75 5.82
CA ALA A 52 6.81 -30.71 4.75
C ALA A 52 8.03 -30.94 3.87
N ASN A 53 8.79 -29.88 3.58
CA ASN A 53 9.98 -30.01 2.76
C ASN A 53 11.05 -30.83 3.47
N ILE A 54 11.21 -30.62 4.78
CA ILE A 54 12.15 -31.43 5.55
C ILE A 54 11.72 -32.88 5.55
N ASN A 55 10.42 -33.14 5.67
CA ASN A 55 9.93 -34.51 5.58
C ASN A 55 10.21 -35.12 4.21
N ALA A 56 10.04 -34.33 3.15
CA ALA A 56 10.33 -34.83 1.80
C ALA A 56 11.80 -35.15 1.65
N ILE A 57 12.68 -34.31 2.20
CA ILE A 57 14.11 -34.58 2.13
C ILE A 57 14.46 -35.84 2.92
N GLN A 58 13.81 -36.05 4.06
CA GLN A 58 14.04 -37.27 4.81
C GLN A 58 13.54 -38.49 4.05
N ALA A 59 12.43 -38.36 3.34
CA ALA A 59 11.94 -39.46 2.51
C ALA A 59 12.91 -39.76 1.38
N LEU A 60 13.50 -38.72 0.79
CA LEU A 60 14.52 -38.93 -0.24
C LEU A 60 15.74 -39.62 0.35
N GLU A 61 16.12 -39.26 1.58
CA GLU A 61 17.16 -40.00 2.30
C GLU A 61 16.81 -41.48 2.40
N GLN A 62 15.59 -41.78 2.85
CA GLN A 62 15.18 -43.17 3.04
C GLN A 62 15.21 -43.93 1.72
N ASN A 63 14.78 -43.28 0.64
CA ASN A 63 14.79 -43.94 -0.67
C ASN A 63 16.21 -44.17 -1.16
N ASN A 64 17.06 -43.14 -1.09
CA ASN A 64 18.41 -43.24 -1.65
C ASN A 64 19.29 -44.18 -0.84
N ALA A 65 19.04 -44.32 0.46
CA ALA A 65 19.85 -45.22 1.27
C ALA A 65 19.70 -46.66 0.80
N GLU A 66 18.49 -47.07 0.44
CA GLU A 66 18.27 -48.45 0.00
C GLU A 66 18.80 -48.66 -1.41
N ASN A 67 18.57 -47.71 -2.32
CA ASN A 67 18.91 -47.84 -3.74
C ASN A 67 19.77 -46.66 -4.15
N PRO A 68 21.08 -46.69 -3.84
CA PRO A 68 21.99 -45.62 -4.26
C PRO A 68 22.49 -45.77 -5.69
N ASP A 69 21.56 -46.07 -6.60
CA ASP A 69 21.87 -46.21 -8.02
C ASP A 69 20.92 -45.45 -8.93
N GLN A 70 19.70 -45.14 -8.49
CA GLN A 70 18.76 -44.38 -9.29
C GLN A 70 18.28 -43.10 -8.60
N PHE A 71 18.51 -42.95 -7.29
CA PHE A 71 18.06 -41.79 -6.55
C PHE A 71 19.20 -40.86 -6.14
N ALA A 72 20.45 -41.28 -6.32
CA ALA A 72 21.58 -40.47 -5.88
C ALA A 72 21.62 -39.12 -6.59
N GLU A 73 21.40 -39.12 -7.91
CA GLU A 73 21.34 -37.87 -8.65
C GLU A 73 20.17 -37.01 -8.15
N ALA A 74 19.01 -37.63 -7.97
CA ALA A 74 17.86 -36.90 -7.46
C ALA A 74 18.13 -36.35 -6.07
N PHE A 75 18.77 -37.15 -5.20
CA PHE A 75 19.08 -36.67 -3.86
C PHE A 75 20.04 -35.49 -3.89
N GLN A 76 21.10 -35.57 -4.69
CA GLN A 76 22.06 -34.49 -4.73
C GLN A 76 21.42 -33.21 -5.28
N LYS A 77 20.61 -33.35 -6.33
CA LYS A 77 19.88 -32.20 -6.85
C LYS A 77 18.98 -31.60 -5.77
N SER A 78 18.25 -32.46 -5.05
CA SER A 78 17.33 -31.98 -4.03
C SER A 78 18.06 -31.26 -2.91
N LYS A 79 19.20 -31.80 -2.47
CA LYS A 79 19.94 -31.17 -1.39
C LYS A 79 20.52 -29.84 -1.83
N LYS A 80 21.01 -29.75 -3.07
CA LYS A 80 21.50 -28.46 -3.55
C LYS A 80 20.36 -27.45 -3.72
N VAL A 81 19.19 -27.92 -4.15
CA VAL A 81 18.01 -27.07 -4.20
C VAL A 81 17.67 -26.56 -2.80
N LYS A 82 17.77 -27.42 -1.80
CA LYS A 82 17.50 -26.99 -0.43
C LYS A 82 18.53 -25.96 0.03
N GLU A 83 19.79 -26.13 -0.35
CA GLU A 83 20.80 -25.14 0.00
C GLU A 83 20.48 -23.79 -0.61
N LEU A 84 20.19 -23.75 -1.91
CA LEU A 84 19.84 -22.50 -2.56
C LEU A 84 18.59 -21.88 -1.94
N SER A 85 17.57 -22.72 -1.71
CA SER A 85 16.29 -22.24 -1.19
C SER A 85 16.46 -21.67 0.21
N ASP A 86 17.20 -22.35 1.08
CA ASP A 86 17.38 -21.83 2.43
C ASP A 86 18.29 -20.61 2.44
N SER A 87 19.25 -20.51 1.53
CA SER A 87 20.05 -19.29 1.45
C SER A 87 19.17 -18.10 1.08
N PHE A 88 18.35 -18.25 0.04
CA PHE A 88 17.46 -17.17 -0.37
C PHE A 88 16.43 -16.87 0.72
N TYR A 89 15.90 -17.93 1.35
CA TYR A 89 14.93 -17.76 2.43
C TYR A 89 15.52 -17.00 3.61
N ASN A 90 16.75 -17.34 3.99
CA ASN A 90 17.39 -16.65 5.11
C ASN A 90 17.75 -15.22 4.76
N TYR A 91 18.10 -14.94 3.52
CA TYR A 91 18.31 -13.55 3.10
C TYR A 91 17.01 -12.75 3.23
N ILE A 92 15.92 -13.32 2.71
CA ILE A 92 14.63 -12.64 2.79
C ILE A 92 14.21 -12.46 4.24
N GLU A 93 14.47 -13.46 5.08
CA GLU A 93 14.15 -13.36 6.49
C GLU A 93 15.00 -12.31 7.19
N GLY A 94 16.26 -12.16 6.79
CA GLY A 94 17.07 -11.09 7.35
C GLY A 94 16.51 -9.72 7.04
N ILE A 95 16.14 -9.49 5.78
CA ILE A 95 15.52 -8.21 5.42
C ILE A 95 14.21 -8.03 6.17
N LYS A 96 13.42 -9.10 6.27
CA LYS A 96 12.13 -9.05 6.92
C LYS A 96 12.25 -8.71 8.40
N GLY A 97 13.22 -9.33 9.09
CA GLY A 97 13.46 -9.00 10.47
C GLY A 97 14.00 -7.60 10.66
N GLU A 98 14.84 -7.13 9.74
CA GLU A 98 15.31 -5.75 9.81
C GLU A 98 14.15 -4.78 9.66
N VAL A 99 13.17 -5.12 8.82
CA VAL A 99 12.00 -4.26 8.69
C VAL A 99 11.15 -4.30 9.96
N MET A 100 10.97 -5.49 10.53
CA MET A 100 10.15 -5.61 11.73
C MET A 100 10.81 -5.02 12.96
N ASN A 101 12.12 -4.81 12.94
CA ASN A 101 12.78 -4.16 14.06
C ASN A 101 12.48 -2.66 14.14
N GLN A 102 11.88 -2.08 13.10
CA GLN A 102 11.68 -0.64 13.02
C GLN A 102 10.24 -0.23 13.27
N VAL A 103 9.40 -1.13 13.79
CA VAL A 103 7.99 -0.85 13.93
C VAL A 103 7.59 -0.52 15.37
N GLY A 104 8.29 -1.05 16.36
CA GLY A 104 7.95 -0.78 17.74
C GLY A 104 8.02 -2.00 18.63
N GLU A 105 7.60 -1.86 19.88
CA GLU A 105 7.69 -2.97 20.82
C GLU A 105 6.61 -4.00 20.57
N ASP A 106 5.40 -3.57 20.21
CA ASP A 106 4.31 -4.49 19.91
C ASP A 106 4.40 -4.89 18.44
N LYS A 107 4.57 -6.19 18.20
CA LYS A 107 4.79 -6.65 16.84
C LYS A 107 3.50 -6.88 16.06
N LYS A 108 2.40 -7.20 16.74
CA LYS A 108 1.12 -7.43 16.08
C LYS A 108 0.22 -6.21 16.14
N ASP A 109 0.79 -5.02 16.24
CA ASP A 109 0.03 -3.77 16.18
C ASP A 109 0.18 -3.22 14.77
N TYR A 110 -0.64 -3.75 13.86
CA TYR A 110 -0.50 -3.46 12.45
C TYR A 110 -0.97 -2.07 12.06
N GLN A 111 -1.76 -1.42 12.92
CA GLN A 111 -2.30 -0.11 12.60
C GLN A 111 -1.21 0.94 12.46
N VAL A 112 -0.06 0.74 13.10
CA VAL A 112 0.95 1.78 13.20
C VAL A 112 2.15 1.50 12.30
N MET A 113 2.09 0.48 11.44
CA MET A 113 3.29 0.16 10.69
C MET A 113 3.51 1.16 9.57
N ASP A 114 2.74 1.03 8.48
CA ASP A 114 2.37 2.09 7.54
C ASP A 114 3.39 3.23 7.36
N LYS A 115 4.67 2.91 7.19
CA LYS A 115 5.65 3.99 7.14
C LYS A 115 6.44 4.04 5.84
N SER A 116 7.05 2.94 5.43
CA SER A 116 7.82 2.88 4.18
C SER A 116 9.04 3.78 4.21
N ASP A 117 9.76 3.78 5.34
CA ASP A 117 10.90 4.67 5.50
C ASP A 117 12.20 3.89 5.58
N TYR A 118 12.30 2.94 6.51
CA TYR A 118 13.54 2.16 6.64
C TYR A 118 13.81 1.35 5.39
N LEU A 119 12.78 0.77 4.79
CA LEU A 119 13.00 -0.18 3.70
C LEU A 119 13.41 0.52 2.41
N ASP A 120 12.78 1.65 2.08
CA ASP A 120 13.11 2.30 0.83
C ASP A 120 14.31 3.22 0.93
N GLN A 121 14.93 3.30 2.10
CA GLN A 121 16.24 3.91 2.25
C GLN A 121 17.36 2.87 2.26
N LYS A 122 17.01 1.59 2.15
CA LYS A 122 18.00 0.53 2.01
C LYS A 122 17.90 -0.19 0.67
N PHE A 123 16.88 0.12 -0.13
CA PHE A 123 16.74 -0.42 -1.47
C PHE A 123 17.01 0.57 -2.57
N PHE A 124 16.64 1.84 -2.40
CA PHE A 124 16.65 2.80 -3.49
C PHE A 124 17.41 4.05 -3.11
N VAL A 125 18.09 4.64 -4.08
CA VAL A 125 18.65 5.98 -3.96
C VAL A 125 18.35 6.72 -5.26
N GLY A 126 17.76 7.91 -5.15
CA GLY A 126 17.41 8.67 -6.33
C GLY A 126 16.47 7.90 -7.24
N ASP A 127 16.99 7.46 -8.39
CA ASP A 127 16.23 6.68 -9.35
C ASP A 127 16.92 5.36 -9.65
N ASN A 128 17.77 4.90 -8.73
CA ASN A 128 18.55 3.69 -8.91
C ASN A 128 18.36 2.79 -7.70
N TYR A 129 19.06 1.67 -7.70
CA TYR A 129 19.08 0.78 -6.55
C TYR A 129 20.31 1.05 -5.70
N LYS A 130 20.10 1.26 -4.41
CA LYS A 130 21.20 1.28 -3.46
C LYS A 130 21.83 -0.12 -3.43
N PRO A 131 23.15 -0.20 -3.25
CA PRO A 131 23.85 -1.49 -3.39
C PRO A 131 23.15 -2.70 -2.79
N GLU A 132 22.43 -2.54 -1.67
CA GLU A 132 21.73 -3.69 -1.12
C GLU A 132 20.43 -3.99 -1.87
N GLY A 133 19.81 -2.98 -2.48
CA GLY A 133 18.70 -3.26 -3.37
C GLY A 133 19.12 -4.06 -4.59
N GLU A 134 20.27 -3.69 -5.18
CA GLU A 134 20.84 -4.51 -6.24
C GLU A 134 21.24 -5.88 -5.72
N GLU A 135 21.66 -5.96 -4.46
CA GLU A 135 21.95 -7.27 -3.86
C GLU A 135 20.69 -8.13 -3.78
N PHE A 136 19.56 -7.52 -3.41
CA PHE A 136 18.30 -8.25 -3.38
C PHE A 136 17.91 -8.76 -4.76
N VAL A 137 17.95 -7.87 -5.75
CA VAL A 137 17.60 -8.26 -7.11
C VAL A 137 18.54 -9.35 -7.62
N ARG A 138 19.83 -9.23 -7.30
CA ARG A 138 20.80 -10.23 -7.71
C ARG A 138 20.53 -11.56 -7.02
N GLN A 139 20.11 -11.53 -5.76
CA GLN A 139 19.76 -12.75 -5.05
C GLN A 139 18.58 -13.45 -5.71
N ILE A 140 17.56 -12.67 -6.09
CA ILE A 140 16.39 -13.25 -6.76
C ILE A 140 16.80 -13.88 -8.07
N ASN A 141 17.57 -13.16 -8.88
CA ASN A 141 17.97 -13.67 -10.19
C ASN A 141 18.92 -14.85 -10.07
N ASP A 142 19.77 -14.88 -9.04
CA ASP A 142 20.66 -16.01 -8.85
C ASP A 142 19.91 -17.24 -8.38
N TYR A 143 18.90 -17.06 -7.53
CA TYR A 143 18.05 -18.19 -7.17
C TYR A 143 17.34 -18.73 -8.40
N LYS A 144 16.83 -17.85 -9.25
CA LYS A 144 16.17 -18.30 -10.47
C LYS A 144 17.14 -19.06 -11.38
N THR A 145 18.34 -18.51 -11.58
CA THR A 145 19.27 -19.09 -12.53
C THR A 145 19.86 -20.40 -12.03
N GLN A 146 20.34 -20.42 -10.79
CA GLN A 146 20.98 -21.64 -10.27
C GLN A 146 19.98 -22.75 -10.03
N LEU A 147 18.71 -22.42 -9.78
CA LEU A 147 17.69 -23.46 -9.68
C LEU A 147 17.37 -24.03 -11.05
N VAL A 148 17.28 -23.17 -12.06
CA VAL A 148 17.03 -23.64 -13.42
C VAL A 148 18.17 -24.52 -13.92
N GLU A 149 19.41 -24.09 -13.69
CA GLU A 149 20.57 -24.84 -14.16
C GLU A 149 20.73 -26.19 -13.49
N LEU A 150 20.04 -26.44 -12.37
CA LEU A 150 20.00 -27.76 -11.78
C LEU A 150 18.89 -28.64 -12.36
N LEU A 151 18.01 -28.06 -13.17
CA LEU A 151 16.90 -28.79 -13.77
C LEU A 151 16.96 -28.79 -15.29
N GLY A 152 17.22 -27.64 -15.91
CA GLY A 152 17.22 -27.51 -17.35
C GLY A 152 16.20 -26.49 -17.82
N GLY A 153 16.68 -25.43 -18.49
CA GLY A 153 15.82 -24.31 -18.82
C GLY A 153 14.80 -24.59 -19.89
N LYS A 154 13.53 -24.72 -19.47
CA LYS A 154 12.35 -24.85 -20.33
C LYS A 154 12.35 -26.13 -21.13
N GLU A 155 13.38 -26.97 -21.02
CA GLU A 155 13.50 -28.16 -21.83
C GLU A 155 13.95 -29.30 -20.92
N GLY A 156 14.17 -30.47 -21.51
CA GLY A 156 14.63 -31.62 -20.76
C GLY A 156 13.63 -32.07 -19.72
N THR A 157 14.02 -32.01 -18.46
CA THR A 157 13.21 -32.53 -17.36
C THR A 157 12.44 -31.40 -16.67
N TYR A 158 11.32 -31.78 -16.06
CA TYR A 158 10.43 -30.95 -15.25
C TYR A 158 9.61 -29.98 -16.09
N GLY A 159 9.97 -29.81 -17.36
CA GLY A 159 9.03 -29.36 -18.36
C GLY A 159 8.54 -27.94 -18.19
N GLU A 160 7.72 -27.75 -17.15
CA GLU A 160 7.01 -26.51 -16.92
C GLU A 160 7.24 -25.92 -15.54
N LEU A 161 7.82 -26.67 -14.61
CA LEU A 161 8.22 -26.10 -13.33
C LEU A 161 9.24 -24.99 -13.54
N VAL A 162 10.11 -25.15 -14.54
CA VAL A 162 11.04 -24.08 -14.89
C VAL A 162 10.28 -22.86 -15.38
N GLY A 163 9.25 -23.06 -16.20
CA GLY A 163 8.43 -21.94 -16.63
C GLY A 163 7.70 -21.27 -15.49
N LYS A 164 7.31 -22.04 -14.48
CA LYS A 164 6.64 -21.46 -13.32
C LYS A 164 7.61 -20.64 -12.48
N ILE A 165 8.80 -21.19 -12.21
CA ILE A 165 9.75 -20.46 -11.38
C ILE A 165 10.36 -19.29 -12.14
N ASP A 166 10.24 -19.29 -13.47
CA ASP A 166 10.59 -18.13 -14.26
C ASP A 166 9.49 -17.08 -14.29
N GLY A 167 8.36 -17.35 -13.62
CA GLY A 167 7.28 -16.40 -13.54
C GLY A 167 7.17 -15.77 -12.16
N ASN A 168 7.38 -16.58 -11.11
CA ASN A 168 7.37 -16.04 -9.76
C ASN A 168 8.59 -15.16 -9.51
N PHE A 169 9.78 -15.67 -9.84
CA PHE A 169 11.03 -15.00 -9.52
C PHE A 169 11.55 -14.19 -10.70
N ASN A 170 10.72 -13.25 -11.15
CA ASN A 170 11.15 -12.27 -12.14
C ASN A 170 11.72 -11.04 -11.47
N THR A 171 12.56 -10.32 -12.21
CA THR A 171 12.91 -8.96 -11.88
C THR A 171 12.76 -8.05 -13.10
N ASN A 172 12.15 -8.56 -14.17
CA ASN A 172 11.93 -7.78 -15.37
C ASN A 172 10.97 -6.63 -15.09
N ASP A 173 11.13 -5.56 -15.86
CA ASP A 173 10.31 -4.37 -15.69
C ASP A 173 8.83 -4.72 -15.88
N VAL A 174 8.00 -4.24 -14.97
CA VAL A 174 6.57 -4.52 -15.00
C VAL A 174 5.82 -3.27 -15.41
N VAL A 175 4.75 -3.46 -16.18
CA VAL A 175 3.88 -2.37 -16.61
C VAL A 175 2.69 -2.30 -15.67
N ASP A 176 2.42 -1.11 -15.14
CA ASP A 176 1.33 -0.97 -14.19
C ASP A 176 0.04 -0.60 -14.91
N ARG A 177 -1.00 -0.31 -14.13
CA ARG A 177 -2.34 -0.13 -14.68
C ARG A 177 -2.40 1.05 -15.64
N GLU A 178 -1.59 2.09 -15.42
CA GLU A 178 -1.63 3.25 -16.30
C GLU A 178 -0.95 2.95 -17.63
N GLY A 179 0.05 2.09 -17.62
CA GLY A 179 0.80 1.75 -18.81
C GLY A 179 2.27 2.13 -18.77
N VAL A 180 2.71 2.82 -17.72
CA VAL A 180 4.10 3.24 -17.62
C VAL A 180 4.95 2.08 -17.12
N THR A 181 6.14 1.93 -17.70
CA THR A 181 7.02 0.83 -17.33
C THR A 181 7.72 1.12 -16.00
N ARG A 182 7.65 0.17 -15.09
CA ARG A 182 8.19 0.24 -13.75
C ARG A 182 9.23 -0.83 -13.53
N LYS A 183 10.28 -0.46 -12.81
CA LYS A 183 11.29 -1.41 -12.41
C LYS A 183 10.74 -2.29 -11.30
N TRP A 184 11.19 -3.54 -11.25
CA TRP A 184 10.56 -4.52 -10.39
C TRP A 184 10.62 -4.12 -8.92
N LEU A 185 11.80 -3.76 -8.43
CA LEU A 185 11.94 -3.42 -7.02
C LEU A 185 11.16 -2.16 -6.68
N ASN A 186 11.22 -1.15 -7.54
CA ASN A 186 10.49 0.08 -7.28
C ASN A 186 8.98 -0.14 -7.34
N TYR A 187 8.53 -1.00 -8.25
CA TYR A 187 7.12 -1.36 -8.30
C TYR A 187 6.69 -2.08 -7.03
N ASN A 188 7.51 -2.99 -6.52
CA ASN A 188 7.05 -3.90 -5.49
C ASN A 188 7.25 -3.38 -4.07
N PHE A 189 8.24 -2.53 -3.82
CA PHE A 189 8.55 -2.18 -2.44
C PHE A 189 8.72 -0.70 -2.15
N GLU A 190 8.68 0.18 -3.15
CA GLU A 190 8.92 1.59 -2.90
C GLU A 190 7.64 2.26 -2.45
N GLY A 191 7.65 2.83 -1.24
CA GLY A 191 6.48 3.47 -0.67
C GLY A 191 5.51 2.53 0.00
N PHE A 192 5.81 1.25 0.05
CA PHE A 192 4.90 0.27 0.64
C PHE A 192 5.02 0.32 2.16
N PRO A 193 3.90 0.27 2.89
CA PRO A 193 3.95 0.19 4.35
C PRO A 193 4.81 -0.98 4.82
N TYR A 194 5.34 -0.86 6.04
CA TYR A 194 6.21 -1.90 6.58
C TYR A 194 5.49 -3.25 6.59
N ILE A 195 4.24 -3.27 7.04
CA ILE A 195 3.52 -4.52 7.13
C ILE A 195 3.18 -5.05 5.75
N ALA A 196 2.89 -4.17 4.78
CA ALA A 196 2.66 -4.61 3.41
C ALA A 196 3.93 -5.20 2.81
N SER A 197 5.07 -4.54 3.02
CA SER A 197 6.33 -5.05 2.50
C SER A 197 6.70 -6.38 3.15
N VAL A 198 6.44 -6.52 4.44
CA VAL A 198 6.76 -7.77 5.12
C VAL A 198 5.83 -8.88 4.66
N ALA A 199 4.56 -8.57 4.42
CA ALA A 199 3.66 -9.55 3.85
C ALA A 199 4.11 -9.98 2.46
N LYS A 200 4.58 -9.02 1.65
CA LYS A 200 5.06 -9.35 0.31
C LYS A 200 6.33 -10.20 0.36
N LEU A 201 7.23 -9.90 1.29
CA LEU A 201 8.42 -10.72 1.46
C LEU A 201 8.05 -12.13 1.93
N SER A 202 7.05 -12.24 2.81
CA SER A 202 6.58 -13.55 3.22
C SER A 202 5.89 -14.28 2.07
N MET A 203 5.27 -13.53 1.16
CA MET A 203 4.72 -14.11 -0.06
C MET A 203 5.83 -14.70 -0.92
N MET A 204 6.94 -13.97 -1.06
CA MET A 204 8.07 -14.46 -1.81
C MET A 204 8.67 -15.70 -1.14
N GLN A 205 8.72 -15.70 0.18
CA GLN A 205 9.18 -16.89 0.91
C GLN A 205 8.24 -18.06 0.68
N SER A 206 6.94 -17.80 0.61
CA SER A 206 5.97 -18.84 0.30
C SER A 206 6.17 -19.37 -1.11
N ASP A 207 6.52 -18.49 -2.04
CA ASP A 207 6.88 -18.94 -3.39
C ASP A 207 8.10 -19.85 -3.35
N ILE A 208 9.11 -19.48 -2.55
CA ILE A 208 10.29 -20.33 -2.39
C ILE A 208 9.89 -21.71 -1.89
N ARG A 209 9.08 -21.75 -0.83
CA ARG A 209 8.71 -23.02 -0.22
C ARG A 209 7.85 -23.86 -1.15
N ALA A 210 6.89 -23.23 -1.85
CA ALA A 210 6.07 -23.96 -2.80
C ALA A 210 6.92 -24.51 -3.95
N THR A 211 7.85 -23.70 -4.45
CA THR A 211 8.75 -24.15 -5.50
C THR A 211 9.54 -25.37 -5.06
N GLU A 212 10.14 -25.31 -3.87
CA GLU A 212 11.00 -26.41 -3.48
C GLU A 212 10.20 -27.64 -3.08
N GLN A 213 8.97 -27.48 -2.60
CA GLN A 213 8.17 -28.68 -2.33
C GLN A 213 7.63 -29.29 -3.61
N GLU A 214 7.39 -28.46 -4.64
CA GLU A 214 7.03 -28.99 -5.95
C GLU A 214 8.21 -29.68 -6.63
N VAL A 215 9.43 -29.23 -6.38
CA VAL A 215 10.61 -29.94 -6.86
C VAL A 215 10.70 -31.31 -6.19
N TYR A 216 10.60 -31.35 -4.85
CA TYR A 216 10.68 -32.63 -4.16
C TYR A 216 9.46 -33.50 -4.42
N ALA A 217 8.34 -32.90 -4.82
CA ALA A 217 7.21 -33.72 -5.27
C ALA A 217 7.58 -34.49 -6.52
N GLU A 218 8.30 -33.86 -7.45
CA GLU A 218 8.75 -34.55 -8.65
C GLU A 218 9.91 -35.49 -8.36
N MET A 219 10.69 -35.22 -7.30
CA MET A 219 11.77 -36.12 -6.93
C MET A 219 11.25 -37.52 -6.62
N LEU A 220 10.21 -37.61 -5.78
CA LEU A 220 9.72 -38.90 -5.32
C LEU A 220 9.18 -39.73 -6.49
N LYS A 221 8.46 -39.09 -7.40
CA LYS A 221 7.92 -39.79 -8.57
C LYS A 221 9.01 -40.07 -9.59
N SER B 6 8.87 38.09 -1.10
CA SER B 6 8.07 37.07 -0.42
C SER B 6 8.69 35.70 -0.59
N PRO B 7 9.59 35.33 0.33
CA PRO B 7 10.24 34.02 0.24
C PRO B 7 9.33 32.86 0.63
N ARG B 8 8.13 33.15 1.16
CA ARG B 8 7.18 32.11 1.51
C ARG B 8 6.23 31.80 0.37
N GLN B 9 5.78 32.83 -0.36
CA GLN B 9 4.86 32.60 -1.47
C GLN B 9 5.54 31.89 -2.62
N LYS B 10 6.81 32.20 -2.88
CA LYS B 10 7.54 31.47 -3.92
C LYS B 10 7.64 29.99 -3.58
N MET B 11 7.94 29.70 -2.31
CA MET B 11 7.93 28.31 -1.86
C MET B 11 6.60 27.63 -2.13
N ILE B 12 5.49 28.26 -1.76
CA ILE B 12 4.19 27.61 -1.91
C ILE B 12 3.89 27.39 -3.38
N ASN B 13 4.09 28.43 -4.19
CA ASN B 13 3.79 28.36 -5.61
C ASN B 13 4.64 27.30 -6.31
N LEU B 14 5.81 27.00 -5.77
CA LEU B 14 6.60 25.92 -6.35
C LEU B 14 6.23 24.56 -5.77
N MET B 15 6.11 24.46 -4.45
CA MET B 15 6.05 23.20 -3.74
C MET B 15 4.65 22.61 -3.66
N TYR B 16 3.60 23.35 -4.00
CA TYR B 16 2.30 22.70 -4.03
C TYR B 16 2.26 21.69 -5.17
N LEU B 17 2.92 21.99 -6.28
CA LEU B 17 3.07 21.03 -7.36
C LEU B 17 3.92 19.84 -6.94
N VAL B 18 4.98 20.10 -6.17
CA VAL B 18 5.82 19.00 -5.69
C VAL B 18 5.03 18.08 -4.76
N PHE B 19 4.19 18.66 -3.91
CA PHE B 19 3.40 17.83 -3.00
C PHE B 19 2.27 17.10 -3.72
N ILE B 20 1.69 17.71 -4.75
CA ILE B 20 0.75 16.99 -5.60
C ILE B 20 1.46 15.84 -6.31
N SER B 21 2.72 16.03 -6.68
CA SER B 21 3.48 14.94 -7.30
C SER B 21 3.76 13.83 -6.31
N MET B 22 4.12 14.18 -5.07
CA MET B 22 4.28 13.16 -4.03
C MET B 22 2.99 12.40 -3.79
N LEU B 23 1.85 13.10 -3.79
CA LEU B 23 0.57 12.42 -3.62
C LEU B 23 0.25 11.53 -4.81
N ALA B 24 0.58 11.98 -6.02
CA ALA B 24 0.36 11.15 -7.21
C ALA B 24 1.22 9.89 -7.16
N LEU B 25 2.46 10.01 -6.67
CA LEU B 25 3.31 8.84 -6.52
C LEU B 25 2.81 7.93 -5.41
N ASN B 26 2.22 8.50 -4.35
CA ASN B 26 1.57 7.71 -3.32
C ASN B 26 0.38 6.93 -3.88
N MET B 27 -0.44 7.60 -4.68
CA MET B 27 -1.61 6.95 -5.27
C MET B 27 -1.21 5.94 -6.33
N GLY B 28 -0.07 6.13 -6.97
CA GLY B 28 0.38 5.21 -8.01
C GLY B 28 1.00 3.95 -7.50
N LYS B 29 1.28 3.85 -6.20
CA LYS B 29 1.78 2.60 -5.65
C LYS B 29 0.68 1.55 -5.72
N GLU B 30 1.02 0.37 -6.23
CA GLU B 30 0.06 -0.72 -6.30
C GLU B 30 0.18 -1.60 -5.06
N VAL B 31 -0.07 -0.95 -3.92
CA VAL B 31 -0.08 -1.66 -2.64
C VAL B 31 -1.24 -2.64 -2.59
N LEU B 32 -2.39 -2.23 -3.09
CA LEU B 32 -3.59 -3.05 -3.05
C LEU B 32 -3.52 -4.19 -4.05
N SER B 33 -2.62 -4.13 -5.02
CA SER B 33 -2.39 -5.24 -5.93
C SER B 33 -1.66 -6.39 -5.28
N ALA B 34 -1.05 -6.18 -4.11
CA ALA B 34 -0.49 -7.29 -3.36
C ALA B 34 -1.58 -8.24 -2.90
N PHE B 35 -2.74 -7.68 -2.53
CA PHE B 35 -3.90 -8.53 -2.20
C PHE B 35 -4.33 -9.35 -3.41
N GLY B 36 -4.37 -8.75 -4.59
CA GLY B 36 -4.77 -9.49 -5.77
C GLY B 36 -3.77 -10.57 -6.16
N LEU B 37 -2.48 -10.26 -6.08
CA LEU B 37 -1.46 -11.27 -6.37
C LEU B 37 -1.52 -12.40 -5.35
N MET B 38 -1.73 -12.06 -4.08
CA MET B 38 -1.93 -13.08 -3.05
C MET B 38 -3.14 -13.92 -3.36
N ASN B 39 -4.23 -13.30 -3.81
CA ASN B 39 -5.43 -14.05 -4.15
C ASN B 39 -5.19 -15.01 -5.31
N GLU B 40 -4.46 -14.55 -6.33
CA GLU B 40 -4.13 -15.45 -7.44
C GLU B 40 -3.32 -16.64 -6.95
N LYS B 41 -2.36 -16.40 -6.06
CA LYS B 41 -1.56 -17.49 -5.52
C LYS B 41 -2.42 -18.41 -4.65
N LEU B 42 -3.37 -17.86 -3.89
CA LEU B 42 -4.27 -18.72 -3.13
C LEU B 42 -5.11 -19.58 -4.05
N GLU B 43 -5.65 -19.01 -5.13
CA GLU B 43 -6.44 -19.82 -6.06
C GLU B 43 -5.60 -20.95 -6.63
N ALA B 44 -4.40 -20.63 -7.11
CA ALA B 44 -3.54 -21.67 -7.68
C ALA B 44 -3.22 -22.76 -6.67
N SER B 45 -2.77 -22.37 -5.47
CA SER B 45 -2.50 -23.34 -4.43
C SER B 45 -3.76 -24.10 -4.04
N ASN B 46 -4.93 -23.49 -4.25
CA ASN B 46 -6.18 -24.16 -3.91
C ASN B 46 -6.52 -25.25 -4.90
N GLU B 47 -6.33 -25.02 -6.21
CA GLU B 47 -6.50 -26.15 -7.12
C GLU B 47 -5.44 -27.22 -6.86
N LYS B 48 -4.21 -26.80 -6.54
CA LYS B 48 -3.16 -27.78 -6.27
C LYS B 48 -3.53 -28.65 -5.06
N ALA B 49 -3.99 -28.02 -3.98
CA ALA B 49 -4.36 -28.76 -2.78
C ALA B 49 -5.64 -29.55 -2.97
N ASN B 50 -6.56 -29.05 -3.79
CA ASN B 50 -7.77 -29.82 -4.10
C ASN B 50 -7.42 -31.08 -4.88
N ASN B 51 -6.48 -30.98 -5.82
CA ASN B 51 -6.04 -32.17 -6.54
C ASN B 51 -5.32 -33.13 -5.61
N ALA B 52 -4.50 -32.61 -4.68
CA ALA B 52 -3.87 -33.49 -3.69
C ALA B 52 -4.91 -34.19 -2.83
N ASN B 53 -5.96 -33.46 -2.42
CA ASN B 53 -7.01 -34.04 -1.61
C ASN B 53 -7.78 -35.11 -2.37
N ILE B 54 -8.08 -34.86 -3.64
CA ILE B 54 -8.78 -35.86 -4.45
C ILE B 54 -7.90 -37.10 -4.63
N ASN B 55 -6.59 -36.90 -4.81
CA ASN B 55 -5.70 -38.04 -4.93
C ASN B 55 -5.65 -38.84 -3.64
N ALA B 56 -5.62 -38.17 -2.48
CA ALA B 56 -5.64 -38.89 -1.21
C ALA B 56 -6.96 -39.63 -1.01
N ILE B 57 -8.07 -39.01 -1.39
CA ILE B 57 -9.37 -39.66 -1.29
C ILE B 57 -9.40 -40.92 -2.16
N GLN B 58 -8.92 -40.81 -3.40
CA GLN B 58 -8.88 -41.95 -4.29
C GLN B 58 -7.96 -43.04 -3.73
N ALA B 59 -6.82 -42.64 -3.18
CA ALA B 59 -5.91 -43.61 -2.58
C ALA B 59 -6.60 -44.39 -1.48
N LEU B 60 -7.23 -43.69 -0.53
CA LEU B 60 -7.96 -44.36 0.54
C LEU B 60 -9.07 -45.25 -0.03
N GLU B 61 -9.69 -44.82 -1.13
CA GLU B 61 -10.71 -45.63 -1.78
C GLU B 61 -10.15 -46.97 -2.21
N GLN B 62 -9.02 -46.98 -2.92
CA GLN B 62 -8.43 -48.26 -3.30
C GLN B 62 -7.93 -49.04 -2.09
N ASN B 63 -7.39 -48.35 -1.07
CA ASN B 63 -6.86 -49.05 0.08
C ASN B 63 -7.95 -49.84 0.80
N ASN B 64 -9.12 -49.23 1.00
CA ASN B 64 -10.16 -50.02 1.66
C ASN B 64 -10.93 -50.91 0.70
N ALA B 65 -10.92 -50.62 -0.60
CA ALA B 65 -11.50 -51.55 -1.56
C ALA B 65 -10.73 -52.87 -1.55
N GLU B 66 -9.40 -52.80 -1.49
CA GLU B 66 -8.61 -54.01 -1.34
C GLU B 66 -8.65 -54.54 0.09
N ASN B 67 -8.62 -53.65 1.07
CA ASN B 67 -8.56 -54.03 2.49
C ASN B 67 -9.60 -53.26 3.28
N PRO B 68 -10.85 -53.74 3.30
CA PRO B 68 -11.90 -53.12 4.12
C PRO B 68 -11.94 -53.66 5.55
N ASP B 69 -10.79 -53.68 6.21
CA ASP B 69 -10.66 -54.29 7.53
C ASP B 69 -10.28 -53.30 8.62
N GLN B 70 -9.31 -52.42 8.37
CA GLN B 70 -8.78 -51.54 9.40
C GLN B 70 -9.30 -50.11 9.31
N PHE B 71 -9.60 -49.63 8.11
CA PHE B 71 -9.86 -48.20 7.90
C PHE B 71 -11.01 -47.95 6.94
N ALA B 72 -12.01 -48.83 6.91
CA ALA B 72 -13.20 -48.57 6.11
C ALA B 72 -13.99 -47.38 6.68
N GLU B 73 -14.23 -47.40 8.00
CA GLU B 73 -14.88 -46.26 8.64
C GLU B 73 -14.03 -45.01 8.52
N ALA B 74 -12.71 -45.16 8.44
CA ALA B 74 -11.84 -44.01 8.19
C ALA B 74 -12.15 -43.38 6.84
N PHE B 75 -12.37 -44.21 5.81
CA PHE B 75 -12.73 -43.68 4.50
C PHE B 75 -14.12 -43.07 4.51
N GLN B 76 -15.04 -43.66 5.28
CA GLN B 76 -16.37 -43.06 5.40
C GLN B 76 -16.29 -41.67 6.02
N LYS B 77 -15.51 -41.54 7.11
CA LYS B 77 -15.29 -40.23 7.70
C LYS B 77 -14.59 -39.29 6.73
N SER B 78 -13.68 -39.83 5.92
CA SER B 78 -13.00 -39.01 4.91
C SER B 78 -13.99 -38.47 3.90
N LYS B 79 -14.92 -39.30 3.43
CA LYS B 79 -15.95 -38.83 2.51
C LYS B 79 -16.82 -37.77 3.16
N LYS B 80 -17.20 -37.98 4.42
CA LYS B 80 -18.08 -37.02 5.08
C LYS B 80 -17.39 -35.67 5.28
N VAL B 81 -16.12 -35.69 5.70
CA VAL B 81 -15.40 -34.44 5.85
C VAL B 81 -15.15 -33.80 4.49
N LYS B 82 -14.95 -34.62 3.45
CA LYS B 82 -14.79 -34.06 2.11
C LYS B 82 -16.05 -33.33 1.69
N GLU B 83 -17.21 -33.91 1.95
CA GLU B 83 -18.47 -33.27 1.56
C GLU B 83 -18.72 -32.00 2.37
N LEU B 84 -18.48 -32.05 3.68
CA LEU B 84 -18.65 -30.84 4.50
C LEU B 84 -17.69 -29.75 4.08
N SER B 85 -16.43 -30.11 3.82
CA SER B 85 -15.44 -29.14 3.37
C SER B 85 -15.83 -28.55 2.03
N ASP B 86 -16.36 -29.37 1.12
CA ASP B 86 -16.81 -28.87 -0.17
C ASP B 86 -17.97 -27.91 0.00
N SER B 87 -18.91 -28.23 0.90
CA SER B 87 -20.04 -27.34 1.11
C SER B 87 -19.58 -25.98 1.63
N PHE B 88 -18.69 -25.98 2.63
CA PHE B 88 -18.20 -24.72 3.16
C PHE B 88 -17.37 -23.97 2.11
N TYR B 89 -16.52 -24.69 1.37
CA TYR B 89 -15.71 -24.09 0.33
C TYR B 89 -16.59 -23.44 -0.74
N ASN B 90 -17.66 -24.12 -1.13
CA ASN B 90 -18.54 -23.58 -2.15
C ASN B 90 -19.38 -22.43 -1.64
N TYR B 91 -19.73 -22.43 -0.34
CA TYR B 91 -20.39 -21.25 0.22
C TYR B 91 -19.47 -20.04 0.18
N ILE B 92 -18.21 -20.22 0.58
CA ILE B 92 -17.24 -19.13 0.51
C ILE B 92 -17.01 -18.72 -0.94
N GLU B 93 -17.03 -19.70 -1.84
CA GLU B 93 -16.86 -19.41 -3.27
C GLU B 93 -18.01 -18.58 -3.80
N GLY B 94 -19.23 -18.88 -3.36
CA GLY B 94 -20.36 -18.06 -3.76
C GLY B 94 -20.28 -16.66 -3.22
N ILE B 95 -19.88 -16.50 -1.96
CA ILE B 95 -19.69 -15.17 -1.40
C ILE B 95 -18.60 -14.43 -2.17
N LYS B 96 -17.56 -15.14 -2.58
CA LYS B 96 -16.46 -14.56 -3.34
C LYS B 96 -16.92 -14.13 -4.73
N GLY B 97 -17.77 -14.93 -5.37
CA GLY B 97 -18.29 -14.57 -6.68
C GLY B 97 -19.22 -13.38 -6.62
N GLU B 98 -20.08 -13.33 -5.60
CA GLU B 98 -21.00 -12.20 -5.47
C GLU B 98 -20.29 -10.89 -5.23
N VAL B 99 -19.07 -10.93 -4.70
CA VAL B 99 -18.30 -9.71 -4.47
C VAL B 99 -17.31 -9.45 -5.62
N MET B 100 -16.98 -10.46 -6.42
CA MET B 100 -16.16 -10.28 -7.61
C MET B 100 -16.98 -9.87 -8.83
N ASN B 101 -18.30 -9.78 -8.70
CA ASN B 101 -19.17 -9.41 -9.80
C ASN B 101 -19.45 -7.91 -9.87
N GLN B 102 -18.89 -7.11 -8.96
CA GLN B 102 -19.17 -5.69 -8.90
C GLN B 102 -17.89 -4.84 -8.84
N VAL B 103 -16.81 -5.33 -9.43
CA VAL B 103 -15.54 -4.61 -9.40
C VAL B 103 -15.31 -3.96 -10.75
N GLY B 104 -15.96 -4.47 -11.79
CA GLY B 104 -15.84 -3.94 -13.12
C GLY B 104 -15.74 -5.07 -14.12
N GLU B 105 -15.48 -4.70 -15.38
CA GLU B 105 -15.30 -5.71 -16.42
C GLU B 105 -13.98 -6.43 -16.32
N ASP B 106 -12.95 -5.76 -15.77
CA ASP B 106 -11.64 -6.37 -15.59
C ASP B 106 -11.52 -6.92 -14.18
N LYS B 107 -11.33 -8.22 -14.06
CA LYS B 107 -11.18 -8.89 -12.77
C LYS B 107 -9.73 -8.92 -12.31
N LYS B 108 -8.81 -8.31 -13.05
CA LYS B 108 -7.41 -8.23 -12.67
C LYS B 108 -6.95 -6.80 -12.43
N ASP B 109 -7.89 -5.86 -12.31
CA ASP B 109 -7.57 -4.47 -12.01
C ASP B 109 -7.76 -4.26 -10.51
N TYR B 110 -6.78 -4.73 -9.75
CA TYR B 110 -6.86 -4.75 -8.29
C TYR B 110 -6.80 -3.37 -7.66
N GLN B 111 -6.42 -2.33 -8.41
CA GLN B 111 -6.28 -1.01 -7.83
C GLN B 111 -7.62 -0.32 -7.59
N VAL B 112 -8.68 -0.75 -8.28
CA VAL B 112 -10.00 -0.13 -8.12
C VAL B 112 -10.91 -0.93 -7.21
N MET B 113 -10.50 -2.12 -6.77
CA MET B 113 -11.32 -2.96 -5.89
C MET B 113 -11.12 -2.57 -4.43
N ASP B 114 -11.48 -1.32 -4.11
CA ASP B 114 -11.18 -0.74 -2.81
C ASP B 114 -12.38 0.01 -2.24
N LYS B 115 -13.58 -0.49 -2.48
CA LYS B 115 -14.78 0.26 -2.10
C LYS B 115 -15.42 -0.25 -0.81
N SER B 116 -15.53 -1.57 -0.63
CA SER B 116 -16.02 -2.20 0.59
C SER B 116 -17.52 -2.02 0.80
N ASP B 117 -18.19 -1.27 -0.06
CA ASP B 117 -19.59 -0.91 0.17
C ASP B 117 -20.54 -2.08 0.03
N TYR B 118 -20.28 -3.01 -0.89
CA TYR B 118 -21.23 -4.10 -1.09
C TYR B 118 -21.18 -5.12 0.03
N LEU B 119 -19.99 -5.52 0.47
CA LEU B 119 -19.89 -6.64 1.39
C LEU B 119 -20.39 -6.30 2.79
N ASP B 120 -20.20 -5.06 3.24
CA ASP B 120 -20.70 -4.67 4.54
C ASP B 120 -22.16 -4.23 4.49
N GLN B 121 -22.76 -4.19 3.31
CA GLN B 121 -24.19 -3.98 3.17
C GLN B 121 -24.97 -5.28 3.12
N LYS B 122 -24.30 -6.43 3.16
CA LYS B 122 -24.97 -7.71 3.18
C LYS B 122 -24.66 -8.56 4.40
N PHE B 123 -23.53 -8.36 5.06
CA PHE B 123 -23.22 -9.14 6.25
C PHE B 123 -23.81 -8.57 7.54
N PHE B 124 -24.17 -7.28 7.56
CA PHE B 124 -24.66 -6.69 8.80
C PHE B 124 -25.28 -5.34 8.52
N VAL B 125 -26.39 -5.06 9.21
CA VAL B 125 -27.09 -3.78 9.13
C VAL B 125 -27.01 -3.10 10.49
N GLY B 126 -26.70 -1.81 10.48
CA GLY B 126 -26.57 -1.07 11.72
C GLY B 126 -25.45 -1.59 12.60
N ASP B 127 -25.81 -2.21 13.71
CA ASP B 127 -24.83 -2.73 14.66
C ASP B 127 -24.87 -4.24 14.81
N ASN B 128 -25.82 -4.94 14.18
CA ASN B 128 -25.92 -6.38 14.32
C ASN B 128 -25.97 -7.02 12.93
N TYR B 129 -25.97 -8.34 12.91
CA TYR B 129 -25.84 -9.09 11.67
C TYR B 129 -27.16 -9.10 10.89
N LYS B 130 -27.04 -8.90 9.58
CA LYS B 130 -28.12 -9.19 8.65
C LYS B 130 -28.32 -10.70 8.56
N PRO B 131 -29.52 -11.17 8.18
CA PRO B 131 -29.79 -12.60 8.27
C PRO B 131 -29.17 -13.44 7.16
N GLU B 132 -28.37 -12.84 6.28
CA GLU B 132 -27.46 -13.58 5.42
C GLU B 132 -26.01 -13.44 5.85
N GLY B 133 -25.67 -12.35 6.53
CA GLY B 133 -24.40 -12.27 7.23
C GLY B 133 -24.37 -13.08 8.50
N GLU B 134 -25.53 -13.32 9.10
CA GLU B 134 -25.62 -14.33 10.16
C GLU B 134 -25.38 -15.72 9.59
N GLU B 135 -25.76 -15.94 8.32
CA GLU B 135 -25.54 -17.22 7.68
C GLU B 135 -24.06 -17.53 7.53
N PHE B 136 -23.24 -16.52 7.22
CA PHE B 136 -21.79 -16.74 7.09
C PHE B 136 -21.20 -17.21 8.41
N VAL B 137 -21.52 -16.51 9.49
CA VAL B 137 -21.01 -16.87 10.81
C VAL B 137 -21.51 -18.25 11.22
N ARG B 138 -22.79 -18.54 10.93
CA ARG B 138 -23.33 -19.84 11.27
C ARG B 138 -22.64 -20.94 10.47
N GLN B 139 -22.33 -20.67 9.21
CA GLN B 139 -21.63 -21.66 8.39
C GLN B 139 -20.24 -21.94 8.93
N ILE B 140 -19.51 -20.89 9.30
CA ILE B 140 -18.18 -21.08 9.88
C ILE B 140 -18.29 -21.91 11.16
N ASN B 141 -19.21 -21.53 12.04
CA ASN B 141 -19.33 -22.21 13.33
C ASN B 141 -19.78 -23.66 13.16
N ASP B 142 -20.70 -23.93 12.22
CA ASP B 142 -21.16 -25.29 12.02
C ASP B 142 -20.10 -26.14 11.35
N TYR B 143 -19.32 -25.57 10.43
CA TYR B 143 -18.18 -26.30 9.89
C TYR B 143 -17.24 -26.72 11.00
N LYS B 144 -16.86 -25.75 11.85
CA LYS B 144 -15.96 -26.07 12.96
C LYS B 144 -16.55 -27.14 13.87
N THR B 145 -17.84 -26.99 14.20
CA THR B 145 -18.46 -27.89 15.17
C THR B 145 -18.59 -29.30 14.61
N GLN B 146 -19.09 -29.44 13.38
CA GLN B 146 -19.25 -30.77 12.80
C GLN B 146 -17.91 -31.44 12.54
N LEU B 147 -16.91 -30.66 12.11
CA LEU B 147 -15.57 -31.22 11.94
C LEU B 147 -15.00 -31.71 13.27
N VAL B 148 -15.16 -30.92 14.33
CA VAL B 148 -14.69 -31.32 15.64
C VAL B 148 -15.42 -32.57 16.12
N GLU B 149 -16.72 -32.66 15.85
CA GLU B 149 -17.49 -33.85 16.20
C GLU B 149 -16.94 -35.08 15.47
N LEU B 150 -16.67 -34.95 14.17
CA LEU B 150 -16.15 -36.08 13.41
C LEU B 150 -14.79 -36.51 13.92
N LEU B 151 -13.91 -35.55 14.21
CA LEU B 151 -12.56 -35.89 14.65
C LEU B 151 -12.53 -36.26 16.13
N GLY B 152 -13.20 -35.47 16.97
CA GLY B 152 -13.12 -35.63 18.41
C GLY B 152 -12.54 -34.41 19.06
N GLY B 153 -13.28 -33.76 19.95
CA GLY B 153 -12.88 -32.46 20.43
C GLY B 153 -11.70 -32.44 21.37
N LYS B 154 -10.55 -32.00 20.85
CA LYS B 154 -9.34 -31.78 21.64
C LYS B 154 -8.97 -32.97 22.51
N GLU B 155 -9.31 -34.18 22.06
CA GLU B 155 -8.99 -35.39 22.81
C GLU B 155 -9.06 -36.59 21.89
N GLY B 156 -8.44 -37.68 22.34
CA GLY B 156 -8.55 -38.97 21.67
C GLY B 156 -7.69 -39.10 20.44
N THR B 157 -8.11 -38.44 19.35
CA THR B 157 -7.37 -38.49 18.09
C THR B 157 -7.60 -37.17 17.38
N TYR B 158 -6.63 -36.77 16.55
CA TYR B 158 -6.62 -35.44 15.93
C TYR B 158 -6.68 -34.33 16.97
N GLY B 159 -6.25 -34.63 18.20
CA GLY B 159 -6.39 -33.67 19.28
C GLY B 159 -5.65 -32.37 19.01
N GLU B 160 -4.40 -32.48 18.55
CA GLU B 160 -3.66 -31.28 18.18
C GLU B 160 -4.29 -30.62 16.96
N LEU B 161 -4.72 -31.42 15.98
CA LEU B 161 -5.31 -30.86 14.78
C LEU B 161 -6.61 -30.13 15.09
N VAL B 162 -7.44 -30.70 15.97
CA VAL B 162 -8.68 -30.04 16.37
C VAL B 162 -8.39 -28.69 17.01
N GLY B 163 -7.39 -28.65 17.91
CA GLY B 163 -6.97 -27.38 18.47
C GLY B 163 -6.50 -26.40 17.41
N LYS B 164 -5.81 -26.90 16.39
CA LYS B 164 -5.47 -26.05 15.26
C LYS B 164 -6.72 -25.58 14.52
N ILE B 165 -7.72 -26.45 14.39
CA ILE B 165 -8.95 -26.10 13.70
C ILE B 165 -9.69 -24.99 14.44
N ASP B 166 -9.81 -25.13 15.77
CA ASP B 166 -10.53 -24.13 16.56
C ASP B 166 -9.86 -22.77 16.48
N GLY B 167 -8.53 -22.73 16.38
CA GLY B 167 -7.84 -21.47 16.23
C GLY B 167 -8.02 -20.82 14.88
N ASN B 168 -8.37 -21.60 13.86
CA ASN B 168 -8.61 -21.08 12.52
C ASN B 168 -10.01 -20.50 12.37
N PHE B 169 -11.03 -21.34 12.55
CA PHE B 169 -12.41 -20.94 12.31
C PHE B 169 -13.09 -20.55 13.62
N ASN B 170 -12.57 -19.48 14.21
CA ASN B 170 -13.15 -18.93 15.42
C ASN B 170 -14.35 -18.05 15.08
N THR B 171 -15.11 -17.71 16.12
CA THR B 171 -16.10 -16.66 16.01
C THR B 171 -16.14 -15.81 17.28
N ASN B 172 -15.23 -16.06 18.23
CA ASN B 172 -15.27 -15.37 19.51
C ASN B 172 -15.06 -13.87 19.32
N ASP B 173 -15.78 -13.09 20.12
CA ASP B 173 -15.59 -11.65 20.11
C ASP B 173 -14.13 -11.31 20.42
N VAL B 174 -13.58 -10.38 19.65
CA VAL B 174 -12.18 -10.00 19.76
C VAL B 174 -12.08 -8.55 20.19
N VAL B 175 -11.14 -8.26 21.07
CA VAL B 175 -10.90 -6.90 21.55
C VAL B 175 -9.77 -6.29 20.74
N ASP B 176 -9.98 -5.07 20.27
CA ASP B 176 -9.00 -4.37 19.45
C ASP B 176 -7.96 -3.71 20.35
N ARG B 177 -7.13 -2.84 19.76
CA ARG B 177 -6.03 -2.24 20.50
C ARG B 177 -6.53 -1.33 21.62
N GLU B 178 -7.51 -0.48 21.35
CA GLU B 178 -8.01 0.44 22.37
C GLU B 178 -8.70 -0.31 23.51
N GLY B 179 -9.49 -1.33 23.19
CA GLY B 179 -10.04 -2.16 24.25
C GLY B 179 -11.51 -2.52 24.13
N VAL B 180 -12.22 -1.94 23.16
CA VAL B 180 -13.62 -2.29 22.99
C VAL B 180 -13.73 -3.71 22.43
N THR B 181 -14.85 -4.36 22.73
CA THR B 181 -15.08 -5.74 22.31
C THR B 181 -15.92 -5.73 21.05
N ARG B 182 -15.33 -6.19 19.94
CA ARG B 182 -15.96 -6.13 18.63
C ARG B 182 -16.29 -7.54 18.16
N LYS B 183 -17.42 -7.67 17.48
CA LYS B 183 -17.85 -8.96 16.98
C LYS B 183 -16.91 -9.44 15.88
N TRP B 184 -16.88 -10.76 15.68
CA TRP B 184 -15.93 -11.36 14.75
C TRP B 184 -16.14 -10.87 13.33
N LEU B 185 -17.38 -10.95 12.83
CA LEU B 185 -17.65 -10.57 11.45
C LEU B 185 -17.50 -9.07 11.25
N ASN B 186 -17.70 -8.28 12.31
CA ASN B 186 -17.46 -6.85 12.21
C ASN B 186 -15.98 -6.53 12.24
N TYR B 187 -15.18 -7.35 12.91
CA TYR B 187 -13.75 -7.13 12.92
C TYR B 187 -13.12 -7.53 11.59
N ASN B 188 -13.56 -8.65 11.01
CA ASN B 188 -12.83 -9.28 9.92
C ASN B 188 -13.21 -8.76 8.54
N PHE B 189 -14.43 -8.27 8.34
CA PHE B 189 -14.89 -7.93 7.00
C PHE B 189 -15.52 -6.55 6.87
N GLU B 190 -15.55 -5.75 7.92
CA GLU B 190 -16.20 -4.45 7.88
C GLU B 190 -15.17 -3.38 7.51
N GLY B 191 -15.41 -2.71 6.39
CA GLY B 191 -14.50 -1.68 5.91
C GLY B 191 -13.33 -2.17 5.12
N PHE B 192 -13.22 -3.47 4.89
CA PHE B 192 -12.11 -4.03 4.12
C PHE B 192 -12.39 -3.86 2.64
N PRO B 193 -11.41 -3.42 1.85
CA PRO B 193 -11.60 -3.35 0.39
C PRO B 193 -11.96 -4.72 -0.18
N TYR B 194 -12.60 -4.69 -1.36
CA TYR B 194 -13.14 -5.92 -1.93
C TYR B 194 -12.05 -6.95 -2.17
N ILE B 195 -10.91 -6.51 -2.69
CA ILE B 195 -9.84 -7.47 -2.98
C ILE B 195 -9.22 -8.00 -1.68
N ALA B 196 -9.16 -7.18 -0.64
CA ALA B 196 -8.70 -7.68 0.66
C ALA B 196 -9.66 -8.71 1.22
N SER B 197 -10.97 -8.47 1.08
CA SER B 197 -11.96 -9.45 1.54
C SER B 197 -11.88 -10.73 0.73
N VAL B 198 -11.68 -10.62 -0.58
CA VAL B 198 -11.58 -11.81 -1.42
C VAL B 198 -10.31 -12.59 -1.09
N ALA B 199 -9.20 -11.88 -0.83
CA ALA B 199 -7.99 -12.56 -0.41
C ALA B 199 -8.18 -13.25 0.93
N LYS B 200 -8.88 -12.61 1.86
CA LYS B 200 -9.15 -13.24 3.16
C LYS B 200 -10.05 -14.46 3.00
N LEU B 201 -11.05 -14.39 2.13
CA LEU B 201 -11.93 -15.54 1.90
C LEU B 201 -11.17 -16.68 1.23
N SER B 202 -10.31 -16.36 0.27
CA SER B 202 -9.52 -17.39 -0.38
C SER B 202 -8.49 -18.00 0.59
N MET B 203 -7.98 -17.19 1.52
CA MET B 203 -7.14 -17.75 2.58
C MET B 203 -7.95 -18.65 3.50
N MET B 204 -9.19 -18.27 3.80
CA MET B 204 -10.06 -19.11 4.60
C MET B 204 -10.38 -20.42 3.90
N GLN B 205 -10.37 -20.41 2.57
CA GLN B 205 -10.48 -21.64 1.78
C GLN B 205 -9.19 -22.44 1.77
N SER B 206 -8.05 -21.76 1.75
CA SER B 206 -6.77 -22.46 1.87
C SER B 206 -6.66 -23.16 3.22
N ASP B 207 -7.21 -22.57 4.28
CA ASP B 207 -7.30 -23.29 5.54
C ASP B 207 -8.24 -24.48 5.49
N ILE B 208 -9.33 -24.41 4.72
CA ILE B 208 -10.19 -25.57 4.54
C ILE B 208 -9.41 -26.70 3.88
N ARG B 209 -8.71 -26.37 2.79
CA ARG B 209 -7.93 -27.37 2.07
C ARG B 209 -6.81 -27.93 2.94
N ALA B 210 -6.11 -27.06 3.67
CA ALA B 210 -5.05 -27.51 4.56
C ALA B 210 -5.59 -28.40 5.67
N THR B 211 -6.73 -28.05 6.23
CA THR B 211 -7.34 -28.85 7.29
C THR B 211 -7.69 -30.23 6.76
N GLU B 212 -8.31 -30.31 5.58
CA GLU B 212 -8.69 -31.63 5.10
C GLU B 212 -7.50 -32.45 4.64
N GLN B 213 -6.47 -31.80 4.07
CA GLN B 213 -5.28 -32.56 3.70
C GLN B 213 -4.52 -33.03 4.93
N GLU B 214 -4.60 -32.28 6.03
CA GLU B 214 -4.04 -32.76 7.29
C GLU B 214 -4.85 -33.92 7.85
N VAL B 215 -6.17 -33.86 7.69
CA VAL B 215 -7.03 -34.95 8.15
C VAL B 215 -6.70 -36.23 7.39
N TYR B 216 -6.63 -36.15 6.07
CA TYR B 216 -6.26 -37.34 5.29
C TYR B 216 -4.80 -37.72 5.49
N ALA B 217 -3.95 -36.79 5.91
CA ALA B 217 -2.58 -37.13 6.25
C ALA B 217 -2.53 -38.11 7.41
N GLU B 218 -3.35 -37.88 8.44
CA GLU B 218 -3.46 -38.80 9.57
C GLU B 218 -4.51 -39.87 9.30
N MET B 219 -4.41 -40.50 8.13
CA MET B 219 -5.26 -41.65 7.80
C MET B 219 -4.48 -42.71 7.02
N LEU B 220 -3.15 -42.65 7.05
CA LEU B 220 -2.33 -43.62 6.34
C LEU B 220 -1.41 -44.35 7.31
N THR C 7 11.52 46.94 12.01
CA THR C 7 12.81 46.29 12.24
C THR C 7 12.62 44.79 12.47
N THR C 8 11.40 44.39 12.81
CA THR C 8 11.06 42.99 13.01
C THR C 8 10.67 42.29 11.73
N LYS C 9 10.67 42.99 10.60
CA LYS C 9 10.41 42.36 9.32
C LYS C 9 11.59 41.55 8.80
N LYS C 10 12.77 41.69 9.41
CA LYS C 10 13.93 40.94 8.98
C LYS C 10 14.12 39.64 9.76
N ILE C 11 13.43 39.47 10.89
CA ILE C 11 13.46 38.20 11.59
C ILE C 11 12.40 37.25 11.04
N PHE C 12 11.34 37.77 10.45
CA PHE C 12 10.38 36.92 9.76
C PHE C 12 10.92 36.46 8.41
N GLN C 13 11.66 37.34 7.72
CA GLN C 13 12.28 36.95 6.47
C GLN C 13 13.30 35.83 6.68
N MET C 14 14.10 35.93 7.74
CA MET C 14 15.02 34.84 8.07
C MET C 14 14.27 33.56 8.36
N ALA C 15 13.22 33.64 9.18
CA ALA C 15 12.44 32.45 9.50
C ALA C 15 11.78 31.87 8.26
N TYR C 16 11.20 32.73 7.42
CA TYR C 16 10.54 32.26 6.20
C TYR C 16 11.52 31.55 5.28
N GLY C 17 12.66 32.21 4.99
CA GLY C 17 13.63 31.61 4.09
C GLY C 17 14.24 30.34 4.63
N ILE C 18 14.62 30.32 5.91
CA ILE C 18 15.25 29.14 6.48
C ILE C 18 14.25 27.99 6.55
N GLY C 19 13.01 28.27 6.92
CA GLY C 19 12.00 27.23 6.92
C GLY C 19 11.71 26.71 5.53
N ALA C 20 11.72 27.59 4.53
CA ALA C 20 11.54 27.14 3.15
C ALA C 20 12.66 26.20 2.74
N SER C 21 13.90 26.57 3.07
CA SER C 21 15.02 25.69 2.74
C SER C 21 14.88 24.34 3.44
N ILE C 22 14.50 24.34 4.72
CA ILE C 22 14.38 23.10 5.46
C ILE C 22 13.29 22.22 4.87
N VAL C 23 12.14 22.79 4.54
CA VAL C 23 11.04 21.96 4.04
C VAL C 23 11.36 21.44 2.65
N ILE C 24 11.99 22.26 1.80
CA ILE C 24 12.39 21.79 0.48
C ILE C 24 13.41 20.68 0.59
N LEU C 25 14.37 20.80 1.52
CA LEU C 25 15.36 19.74 1.68
C LEU C 25 14.73 18.47 2.24
N GLY C 26 13.76 18.61 3.13
CA GLY C 26 13.05 17.44 3.61
C GLY C 26 12.29 16.74 2.50
N ALA C 27 11.63 17.51 1.64
CA ALA C 27 10.97 16.91 0.47
C ALA C 27 11.98 16.22 -0.43
N LEU C 28 13.13 16.86 -0.66
CA LEU C 28 14.17 16.28 -1.48
C LEU C 28 14.62 14.92 -0.93
N PHE C 29 14.89 14.86 0.38
CA PHE C 29 15.39 13.63 0.96
C PHE C 29 14.31 12.57 1.05
N LYS C 30 13.04 12.97 1.15
CA LYS C 30 11.98 11.98 1.16
C LYS C 30 11.74 11.40 -0.22
N ILE C 31 11.83 12.23 -1.27
CA ILE C 31 11.58 11.75 -2.62
C ILE C 31 12.71 10.84 -3.09
N LEU C 32 13.96 11.23 -2.82
CA LEU C 32 15.12 10.55 -3.39
C LEU C 32 15.74 9.51 -2.47
N HIS C 33 15.15 9.30 -1.28
CA HIS C 33 15.65 8.29 -0.34
C HIS C 33 17.10 8.53 0.05
N TRP C 34 17.48 9.79 0.21
CA TRP C 34 18.86 10.10 0.54
C TRP C 34 19.10 9.93 2.04
N GLU C 35 20.36 10.10 2.44
CA GLU C 35 20.80 9.90 3.82
C GLU C 35 21.90 10.91 4.10
N ILE C 36 21.62 11.87 4.98
CA ILE C 36 22.63 12.82 5.42
C ILE C 36 23.17 12.37 6.78
N ASP C 37 24.50 12.35 6.91
CA ASP C 37 25.16 11.88 8.12
C ASP C 37 25.99 13.02 8.69
N PHE C 38 25.49 13.65 9.76
CA PHE C 38 26.24 14.72 10.39
C PHE C 38 26.27 14.55 11.92
N GLY C 39 25.32 13.82 12.46
CA GLY C 39 25.30 13.58 13.89
C GLY C 39 24.27 12.55 14.27
N GLY C 40 24.49 11.92 15.42
CA GLY C 40 23.57 10.94 15.94
C GLY C 40 23.34 9.76 15.02
N PHE C 41 22.14 9.69 14.45
CA PHE C 41 21.78 8.61 13.53
C PHE C 41 22.17 9.02 12.11
N LYS C 42 21.70 8.26 11.12
CA LYS C 42 21.85 8.62 9.72
C LYS C 42 20.73 9.53 9.23
N LEU C 43 19.74 9.80 10.08
CA LEU C 43 18.73 10.84 9.88
C LEU C 43 17.77 10.55 8.74
N GLY C 44 18.00 9.47 7.98
CA GLY C 44 17.07 9.05 6.96
C GLY C 44 16.61 10.14 6.00
N GLY C 45 15.47 9.92 5.36
CA GLY C 45 14.80 10.95 4.61
C GLY C 45 13.39 11.15 5.14
N GLY C 46 12.84 10.09 5.72
CA GLY C 46 11.57 10.21 6.42
C GLY C 46 11.67 11.09 7.65
N PHE C 47 12.73 10.92 8.43
CA PHE C 47 12.93 11.79 9.59
C PHE C 47 13.13 13.24 9.16
N LEU C 48 13.81 13.44 8.03
CA LEU C 48 13.99 14.81 7.54
C LEU C 48 12.69 15.41 7.02
N LEU C 49 11.81 14.57 6.46
CA LEU C 49 10.47 15.06 6.13
C LEU C 49 9.71 15.44 7.39
N ALA C 50 9.84 14.65 8.46
CA ALA C 50 9.20 14.98 9.72
C ALA C 50 9.73 16.29 10.29
N PHE C 51 11.05 16.50 10.19
CA PHE C 51 11.63 17.76 10.65
C PHE C 51 11.15 18.93 9.81
N GLY C 52 11.04 18.73 8.49
CA GLY C 52 10.47 19.76 7.65
C GLY C 52 9.04 20.08 8.02
N LEU C 53 8.27 19.06 8.44
CA LEU C 53 6.91 19.28 8.87
C LEU C 53 6.86 20.04 10.19
N ILE C 54 7.75 19.72 11.12
CA ILE C 54 7.85 20.51 12.36
C ILE C 54 8.13 21.97 12.02
N THR C 55 9.09 22.19 11.11
CA THR C 55 9.44 23.54 10.72
C THR C 55 8.27 24.26 10.05
N GLU C 56 7.53 23.53 9.21
CA GLU C 56 6.40 24.15 8.52
C GLU C 56 5.28 24.48 9.49
N ALA C 57 5.06 23.63 10.50
CA ALA C 57 4.08 23.94 11.54
C ALA C 57 4.49 25.18 12.31
N ILE C 58 5.79 25.30 12.63
CA ILE C 58 6.26 26.48 13.36
C ILE C 58 6.10 27.73 12.50
N ILE C 59 6.39 27.64 11.20
CA ILE C 59 6.26 28.80 10.33
C ILE C 59 4.79 29.18 10.15
N PHE C 60 3.90 28.17 10.08
CA PHE C 60 2.47 28.46 10.02
C PHE C 60 2.01 29.15 11.29
N PHE C 61 2.49 28.70 12.44
CA PHE C 61 2.12 29.34 13.70
C PHE C 61 2.60 30.79 13.75
N ILE C 62 3.88 31.02 13.44
CA ILE C 62 4.41 32.38 13.55
C ILE C 62 4.00 33.26 12.39
N SER C 63 3.35 32.71 11.36
CA SER C 63 2.78 33.54 10.31
C SER C 63 1.43 34.11 10.71
N ALA C 64 0.82 33.58 11.76
CA ALA C 64 -0.44 34.13 12.25
C ALA C 64 -0.24 35.51 12.89
N PHE C 65 0.92 35.73 13.50
CA PHE C 65 1.22 36.99 14.19
C PHE C 65 2.32 37.69 13.41
N GLU C 66 1.94 38.45 12.40
CA GLU C 66 2.88 39.27 11.63
C GLU C 66 2.14 40.45 11.05
N PRO C 67 2.83 41.58 10.83
CA PRO C 67 2.26 42.80 10.21
C PRO C 67 1.42 42.52 8.97
N THR D 7 -9.98 45.17 9.44
CA THR D 7 -10.55 45.06 10.78
C THR D 7 -10.55 43.61 11.24
N THR D 8 -11.42 42.80 10.66
CA THR D 8 -11.53 41.39 10.98
C THR D 8 -10.62 40.52 10.12
N LYS D 9 -9.87 41.11 9.19
CA LYS D 9 -8.93 40.33 8.39
C LYS D 9 -7.75 39.85 9.21
N LYS D 10 -7.41 40.53 10.30
CA LYS D 10 -6.35 40.06 11.18
C LYS D 10 -6.73 38.74 11.84
N ILE D 11 -7.98 38.60 12.27
CA ILE D 11 -8.37 37.38 12.96
C ILE D 11 -8.56 36.23 11.97
N PHE D 12 -8.89 36.53 10.71
CA PHE D 12 -8.95 35.47 9.70
C PHE D 12 -7.58 34.86 9.46
N GLN D 13 -6.53 35.68 9.34
CA GLN D 13 -5.22 35.10 9.11
C GLN D 13 -4.68 34.43 10.35
N MET D 14 -4.99 34.96 11.54
CA MET D 14 -4.57 34.31 12.77
C MET D 14 -5.22 32.94 12.90
N ALA D 15 -6.52 32.86 12.62
CA ALA D 15 -7.22 31.59 12.66
C ALA D 15 -6.66 30.63 11.63
N TYR D 16 -6.41 31.12 10.41
CA TYR D 16 -5.84 30.27 9.37
C TYR D 16 -4.46 29.75 9.78
N GLY D 17 -3.62 30.62 10.33
CA GLY D 17 -2.29 30.19 10.72
C GLY D 17 -2.30 29.16 11.83
N ILE D 18 -3.09 29.41 12.88
CA ILE D 18 -3.11 28.47 14.00
C ILE D 18 -3.75 27.16 13.57
N GLY D 19 -4.84 27.22 12.80
CA GLY D 19 -5.46 26.01 12.31
C GLY D 19 -4.54 25.21 11.41
N ALA D 20 -3.79 25.89 10.54
CA ALA D 20 -2.86 25.20 9.65
C ALA D 20 -1.70 24.59 10.42
N SER D 21 -1.23 25.29 11.47
CA SER D 21 -0.23 24.70 12.34
C SER D 21 -0.73 23.43 12.99
N ILE D 22 -1.99 23.44 13.44
CA ILE D 22 -2.57 22.24 14.03
C ILE D 22 -2.74 21.15 12.98
N VAL D 23 -3.08 21.53 11.74
CA VAL D 23 -3.17 20.54 10.66
C VAL D 23 -1.82 19.87 10.43
N ILE D 24 -0.75 20.67 10.35
CA ILE D 24 0.58 20.10 10.11
C ILE D 24 1.00 19.22 11.28
N LEU D 25 0.72 19.66 12.51
CA LEU D 25 1.05 18.85 13.68
C LEU D 25 0.29 17.54 13.68
N GLY D 26 -0.99 17.58 13.32
CA GLY D 26 -1.78 16.35 13.27
C GLY D 26 -1.32 15.42 12.17
N ALA D 27 -0.97 15.98 11.01
CA ALA D 27 -0.41 15.15 9.95
C ALA D 27 0.88 14.48 10.40
N LEU D 28 1.74 15.23 11.09
CA LEU D 28 2.99 14.67 11.57
C LEU D 28 2.76 13.60 12.63
N PHE D 29 1.82 13.84 13.54
CA PHE D 29 1.54 12.85 14.58
C PHE D 29 0.89 11.61 14.01
N LYS D 30 0.10 11.75 12.94
CA LYS D 30 -0.48 10.58 12.29
C LYS D 30 0.55 9.82 11.48
N ILE D 31 1.53 10.53 10.90
CA ILE D 31 2.62 9.85 10.21
C ILE D 31 3.48 9.09 11.21
N LEU D 32 3.81 9.72 12.32
CA LEU D 32 4.73 9.14 13.30
C LEU D 32 4.03 8.38 14.40
N HIS D 33 2.70 8.38 14.44
CA HIS D 33 1.91 7.63 15.41
C HIS D 33 2.30 8.01 16.84
N TRP D 34 2.10 9.29 17.14
CA TRP D 34 2.39 9.87 18.45
C TRP D 34 1.09 10.07 19.21
N GLU D 35 1.12 9.76 20.51
CA GLU D 35 -0.08 9.68 21.33
C GLU D 35 0.06 10.60 22.54
N ILE D 36 0.41 11.86 22.29
CA ILE D 36 0.61 12.87 23.32
C ILE D 36 -0.61 12.95 24.23
N ASP D 37 -0.39 12.70 25.53
CA ASP D 37 -1.50 12.63 26.50
C ASP D 37 -1.39 13.78 27.50
N PHE D 38 -2.03 14.90 27.15
CA PHE D 38 -2.26 16.00 28.10
C PHE D 38 -3.74 16.27 28.29
N GLY D 39 -4.47 16.51 27.21
CA GLY D 39 -5.87 16.89 27.31
C GLY D 39 -6.82 15.72 27.40
N GLY D 40 -7.30 15.44 28.61
CA GLY D 40 -8.28 14.38 28.82
C GLY D 40 -7.79 13.01 28.38
N PHE D 41 -8.38 12.51 27.30
CA PHE D 41 -8.04 11.19 26.78
C PHE D 41 -6.76 11.28 25.96
N LYS D 42 -6.43 10.22 25.23
CA LYS D 42 -5.26 10.22 24.37
C LYS D 42 -5.54 11.08 23.14
N LEU D 43 -4.78 12.15 22.98
CA LEU D 43 -5.03 13.11 21.91
C LEU D 43 -4.89 12.47 20.53
N GLY D 44 -3.68 12.04 20.18
CA GLY D 44 -3.45 11.42 18.91
C GLY D 44 -3.31 12.43 17.79
N GLY D 45 -2.97 11.92 16.61
CA GLY D 45 -2.83 12.76 15.44
C GLY D 45 -4.12 12.94 14.69
N GLY D 46 -4.99 11.92 14.76
CA GLY D 46 -6.29 12.03 14.12
C GLY D 46 -7.14 13.14 14.70
N PHE D 47 -7.10 13.31 16.02
CA PHE D 47 -7.84 14.39 16.65
C PHE D 47 -7.32 15.74 16.20
N LEU D 48 -5.99 15.90 16.11
CA LEU D 48 -5.43 17.18 15.69
C LEU D 48 -5.77 17.47 14.24
N LEU D 49 -5.71 16.45 13.37
CA LEU D 49 -6.20 16.63 12.00
C LEU D 49 -7.65 17.07 11.98
N ALA D 50 -8.51 16.38 12.74
CA ALA D 50 -9.92 16.73 12.74
C ALA D 50 -10.12 18.16 13.19
N PHE D 51 -9.46 18.56 14.28
CA PHE D 51 -9.61 19.91 14.80
C PHE D 51 -9.13 20.95 13.79
N GLY D 52 -7.92 20.78 13.26
CA GLY D 52 -7.38 21.76 12.34
C GLY D 52 -8.14 21.85 11.03
N LEU D 53 -8.49 20.70 10.45
CA LEU D 53 -9.24 20.71 9.20
C LEU D 53 -10.64 21.28 9.38
N ILE D 54 -11.32 20.93 10.47
CA ILE D 54 -12.64 21.49 10.71
C ILE D 54 -12.55 23.00 10.93
N THR D 55 -11.51 23.44 11.63
CA THR D 55 -11.30 24.88 11.81
C THR D 55 -11.11 25.57 10.48
N GLU D 56 -10.24 25.02 9.63
CA GLU D 56 -9.99 25.62 8.32
C GLU D 56 -11.27 25.65 7.49
N ALA D 57 -12.06 24.58 7.54
CA ALA D 57 -13.33 24.56 6.83
C ALA D 57 -14.27 25.64 7.36
N ILE D 58 -14.25 25.88 8.67
CA ILE D 58 -15.15 26.87 9.25
C ILE D 58 -14.77 28.28 8.79
N ILE D 59 -13.48 28.62 8.86
CA ILE D 59 -13.06 29.94 8.34
C ILE D 59 -13.34 30.05 6.84
N PHE D 60 -13.10 29.00 6.07
CA PHE D 60 -13.33 29.12 4.64
C PHE D 60 -14.81 29.25 4.31
N PHE D 61 -15.68 28.58 5.06
CA PHE D 61 -17.11 28.74 4.85
C PHE D 61 -17.58 30.13 5.27
N ILE D 62 -17.09 30.64 6.40
CA ILE D 62 -17.50 31.96 6.87
C ILE D 62 -17.02 33.04 5.91
N SER D 63 -15.79 32.91 5.42
CA SER D 63 -15.21 33.89 4.51
C SER D 63 -15.92 33.95 3.16
N ALA D 64 -16.76 32.95 2.84
CA ALA D 64 -17.51 32.98 1.60
C ALA D 64 -18.63 34.01 1.60
N PHE D 65 -18.90 34.64 2.73
CA PHE D 65 -19.97 35.62 2.83
C PHE D 65 -19.44 36.97 3.31
N LYS E 10 -19.39 38.01 -4.78
CA LYS E 10 -20.62 37.32 -4.43
C LYS E 10 -20.89 36.18 -5.40
N ILE E 11 -20.49 36.37 -6.66
CA ILE E 11 -20.69 35.36 -7.70
C ILE E 11 -19.50 34.40 -7.70
N PHE E 12 -18.31 34.91 -7.41
CA PHE E 12 -17.11 34.08 -7.33
C PHE E 12 -16.68 33.79 -5.90
N GLN E 13 -16.85 34.75 -4.98
CA GLN E 13 -16.40 34.53 -3.62
C GLN E 13 -17.18 33.42 -2.92
N MET E 14 -18.50 33.38 -3.13
CA MET E 14 -19.32 32.38 -2.47
C MET E 14 -18.96 30.98 -2.92
N ALA E 15 -18.92 30.75 -4.23
CA ALA E 15 -18.54 29.44 -4.75
C ALA E 15 -17.11 29.11 -4.36
N TYR E 16 -16.22 30.10 -4.41
CA TYR E 16 -14.85 29.94 -3.96
C TYR E 16 -14.80 29.34 -2.55
N GLY E 17 -15.44 30.02 -1.60
CA GLY E 17 -15.39 29.57 -0.22
C GLY E 17 -16.07 28.24 0.01
N ILE E 18 -17.23 28.03 -0.61
CA ILE E 18 -17.94 26.77 -0.42
C ILE E 18 -17.12 25.61 -0.97
N GLY E 19 -16.56 25.77 -2.17
CA GLY E 19 -15.71 24.73 -2.72
C GLY E 19 -14.47 24.48 -1.89
N ALA E 20 -13.89 25.55 -1.33
CA ALA E 20 -12.72 25.38 -0.47
C ALA E 20 -13.08 24.60 0.79
N SER E 21 -14.22 24.91 1.40
CA SER E 21 -14.65 24.18 2.59
C SER E 21 -14.92 22.71 2.27
N ILE E 22 -15.55 22.44 1.12
CA ILE E 22 -15.80 21.07 0.74
C ILE E 22 -14.49 20.34 0.44
N VAL E 23 -13.52 21.03 -0.15
CA VAL E 23 -12.21 20.43 -0.38
C VAL E 23 -11.55 20.06 0.94
N ILE E 24 -11.63 20.95 1.92
CA ILE E 24 -11.03 20.69 3.23
C ILE E 24 -11.70 19.51 3.90
N LEU E 25 -13.03 19.48 3.89
CA LEU E 25 -13.75 18.38 4.53
C LEU E 25 -13.47 17.06 3.81
N GLY E 26 -13.40 17.09 2.49
CA GLY E 26 -13.08 15.87 1.75
C GLY E 26 -11.68 15.38 2.04
N ALA E 27 -10.72 16.31 2.18
CA ALA E 27 -9.37 15.91 2.55
C ALA E 27 -9.35 15.28 3.94
N LEU E 28 -10.09 15.87 4.88
CA LEU E 28 -10.15 15.32 6.23
C LEU E 28 -10.75 13.91 6.22
N PHE E 29 -11.86 13.74 5.50
CA PHE E 29 -12.51 12.44 5.42
C PHE E 29 -11.62 11.41 4.74
N LYS E 30 -10.92 11.82 3.68
CA LYS E 30 -10.03 10.92 2.95
C LYS E 30 -8.86 10.49 3.81
N ILE E 31 -8.27 11.43 4.56
CA ILE E 31 -7.11 11.10 5.38
C ILE E 31 -7.51 10.22 6.55
N LEU E 32 -8.60 10.54 7.23
CA LEU E 32 -9.01 9.79 8.40
C LEU E 32 -9.96 8.63 8.08
N HIS E 33 -10.34 8.46 6.83
CA HIS E 33 -11.21 7.36 6.39
C HIS E 33 -12.54 7.39 7.14
N TRP E 34 -13.26 8.49 6.95
CA TRP E 34 -14.52 8.72 7.64
C TRP E 34 -15.69 8.38 6.73
N GLU E 35 -16.74 7.82 7.32
CA GLU E 35 -17.81 7.15 6.58
C GLU E 35 -19.18 7.75 6.86
N ILE E 36 -19.24 9.00 7.33
CA ILE E 36 -20.48 9.58 7.81
C ILE E 36 -21.54 9.56 6.71
N ASP E 37 -22.60 8.79 6.95
CA ASP E 37 -23.73 8.65 6.03
C ASP E 37 -25.02 8.81 6.81
N PHE E 38 -26.04 9.38 6.18
CA PHE E 38 -27.30 9.68 6.83
C PHE E 38 -28.48 9.24 5.98
N GLY E 39 -28.41 8.03 5.45
CA GLY E 39 -29.51 7.49 4.68
C GLY E 39 -29.42 7.85 3.21
N GLY E 40 -29.73 6.87 2.36
CA GLY E 40 -29.71 7.08 0.92
C GLY E 40 -28.34 7.12 0.29
N PHE E 41 -27.41 7.89 0.87
CA PHE E 41 -26.08 8.07 0.32
C PHE E 41 -25.05 7.86 1.40
N LYS E 42 -23.86 7.42 0.98
CA LYS E 42 -22.69 7.26 1.86
C LYS E 42 -21.67 8.30 1.40
N LEU E 43 -21.52 9.36 2.20
CA LEU E 43 -20.75 10.53 1.77
C LEU E 43 -19.31 10.15 1.44
N GLY E 44 -18.56 9.71 2.43
CA GLY E 44 -17.18 9.35 2.22
C GLY E 44 -16.32 10.56 1.92
N GLY E 45 -15.04 10.30 1.70
CA GLY E 45 -14.11 11.37 1.38
C GLY E 45 -13.92 11.55 -0.10
N GLY E 46 -14.11 10.48 -0.88
CA GLY E 46 -13.96 10.59 -2.32
C GLY E 46 -15.00 11.50 -2.95
N PHE E 47 -16.26 11.37 -2.53
CA PHE E 47 -17.31 12.22 -3.10
C PHE E 47 -17.07 13.68 -2.76
N LEU E 48 -16.73 13.98 -1.50
CA LEU E 48 -16.49 15.36 -1.11
C LEU E 48 -15.27 15.93 -1.82
N LEU E 49 -14.21 15.12 -1.95
CA LEU E 49 -13.02 15.57 -2.67
C LEU E 49 -13.35 15.87 -4.12
N ALA E 50 -14.14 15.01 -4.76
CA ALA E 50 -14.56 15.27 -6.13
C ALA E 50 -15.39 16.54 -6.23
N PHE E 51 -16.39 16.68 -5.36
CA PHE E 51 -17.27 17.84 -5.40
C PHE E 51 -16.52 19.14 -5.16
N GLY E 52 -15.45 19.09 -4.37
CA GLY E 52 -14.67 20.29 -4.13
C GLY E 52 -13.66 20.57 -5.22
N LEU E 53 -12.92 19.54 -5.65
CA LEU E 53 -11.84 19.75 -6.60
C LEU E 53 -12.36 20.02 -8.00
N ILE E 54 -13.47 19.38 -8.42
CA ILE E 54 -14.07 19.73 -9.69
C ILE E 54 -14.54 21.18 -9.67
N THR E 55 -15.16 21.60 -8.57
CA THR E 55 -15.60 22.98 -8.44
C THR E 55 -14.42 23.93 -8.52
N GLU E 56 -13.31 23.59 -7.87
CA GLU E 56 -12.15 24.46 -7.92
C GLU E 56 -11.50 24.49 -9.29
N ALA E 57 -11.50 23.35 -9.99
CA ALA E 57 -11.01 23.33 -11.37
C ALA E 57 -11.86 24.23 -12.26
N ILE E 58 -13.19 24.17 -12.08
CA ILE E 58 -14.06 25.02 -12.86
C ILE E 58 -13.82 26.49 -12.54
N ILE E 59 -13.64 26.81 -11.26
CA ILE E 59 -13.38 28.20 -10.88
C ILE E 59 -12.05 28.68 -11.46
N PHE E 60 -11.02 27.83 -11.40
CA PHE E 60 -9.74 28.16 -12.00
C PHE E 60 -9.89 28.45 -13.49
N PHE E 61 -10.57 27.56 -14.21
CA PHE E 61 -10.73 27.72 -15.64
C PHE E 61 -11.53 28.97 -15.98
N ILE E 62 -12.57 29.26 -15.20
CA ILE E 62 -13.40 30.43 -15.48
C ILE E 62 -12.65 31.72 -15.20
N SER E 63 -11.93 31.77 -14.07
CA SER E 63 -11.15 32.96 -13.76
C SER E 63 -9.95 33.12 -14.68
N ALA E 64 -9.54 32.05 -15.37
CA ALA E 64 -8.49 32.19 -16.37
C ALA E 64 -8.93 33.10 -17.50
N PHE E 65 -10.21 33.03 -17.88
CA PHE E 65 -10.73 33.86 -18.95
C PHE E 65 -11.38 35.12 -18.38
N LYS F 10 -1.99 38.73 -20.16
CA LYS F 10 -3.10 38.01 -20.77
C LYS F 10 -2.80 36.52 -20.87
N ILE F 11 -1.99 36.16 -21.87
CA ILE F 11 -1.60 34.76 -22.04
C ILE F 11 -0.78 34.30 -20.85
N PHE F 12 -0.04 35.20 -20.21
CA PHE F 12 0.69 34.87 -19.00
C PHE F 12 -0.19 34.85 -17.75
N GLN F 13 -1.45 35.26 -17.88
CA GLN F 13 -2.43 35.11 -16.81
C GLN F 13 -3.56 34.16 -17.18
N MET F 14 -3.51 33.57 -18.37
CA MET F 14 -4.48 32.58 -18.82
C MET F 14 -3.92 31.16 -18.66
N ALA F 15 -2.75 30.91 -19.24
CA ALA F 15 -2.11 29.61 -19.09
C ALA F 15 -1.90 29.26 -17.64
N TYR F 16 -1.74 30.26 -16.77
CA TYR F 16 -1.75 30.01 -15.33
C TYR F 16 -3.03 29.28 -14.93
N GLY F 17 -4.17 29.83 -15.32
CA GLY F 17 -5.44 29.25 -14.90
C GLY F 17 -5.67 27.87 -15.48
N ILE F 18 -5.42 27.71 -16.78
CA ILE F 18 -5.63 26.39 -17.38
C ILE F 18 -4.67 25.37 -16.80
N GLY F 19 -3.39 25.74 -16.60
CA GLY F 19 -2.45 24.79 -16.02
C GLY F 19 -2.84 24.37 -14.61
N ALA F 20 -3.27 25.34 -13.79
CA ALA F 20 -3.70 24.98 -12.44
C ALA F 20 -4.94 24.10 -12.47
N SER F 21 -5.88 24.40 -13.38
CA SER F 21 -7.09 23.58 -13.49
C SER F 21 -6.76 22.15 -13.86
N ILE F 22 -5.87 21.96 -14.85
CA ILE F 22 -5.53 20.60 -15.24
C ILE F 22 -4.70 19.90 -14.18
N VAL F 23 -3.87 20.63 -13.44
CA VAL F 23 -3.14 20.01 -12.33
C VAL F 23 -4.11 19.49 -11.28
N ILE F 24 -5.11 20.31 -10.93
CA ILE F 24 -6.10 19.90 -9.94
C ILE F 24 -6.90 18.71 -10.47
N LEU F 25 -7.30 18.75 -11.75
CA LEU F 25 -8.07 17.66 -12.32
C LEU F 25 -7.26 16.36 -12.37
N GLY F 26 -5.97 16.45 -12.69
CA GLY F 26 -5.13 15.27 -12.67
C GLY F 26 -4.96 14.71 -11.28
N ALA F 27 -4.80 15.58 -10.28
CA ALA F 27 -4.76 15.12 -8.90
C ALA F 27 -6.05 14.39 -8.53
N LEU F 28 -7.19 14.95 -8.92
CA LEU F 28 -8.47 14.31 -8.62
C LEU F 28 -8.57 12.94 -9.30
N PHE F 29 -8.23 12.87 -10.59
CA PHE F 29 -8.35 11.62 -11.31
C PHE F 29 -7.41 10.57 -10.75
N LYS F 30 -6.22 10.99 -10.32
CA LYS F 30 -5.28 10.05 -9.71
C LYS F 30 -5.82 9.56 -8.37
N ILE F 31 -6.41 10.46 -7.57
CA ILE F 31 -6.95 10.06 -6.28
C ILE F 31 -8.11 9.09 -6.44
N LEU F 32 -9.01 9.37 -7.37
CA LEU F 32 -10.24 8.61 -7.54
C LEU F 32 -10.11 7.50 -8.57
N HIS F 33 -8.98 7.39 -9.25
CA HIS F 33 -8.75 6.40 -10.30
C HIS F 33 -9.84 6.48 -11.38
N TRP F 34 -10.02 7.70 -11.89
CA TRP F 34 -10.95 7.96 -12.98
C TRP F 34 -10.20 7.85 -14.29
N GLU F 35 -10.66 6.99 -15.17
CA GLU F 35 -9.92 6.57 -16.36
C GLU F 35 -10.78 6.81 -17.60
N ILE F 36 -11.28 8.04 -17.76
CA ILE F 36 -12.24 8.33 -18.81
C ILE F 36 -11.62 8.08 -20.18
N ASP F 37 -12.37 7.39 -21.03
CA ASP F 37 -11.90 6.94 -22.34
C ASP F 37 -12.57 7.79 -23.42
N PHE F 38 -11.81 8.72 -23.98
CA PHE F 38 -12.28 9.50 -25.12
C PHE F 38 -11.85 8.80 -26.41
N GLY F 39 -12.02 9.47 -27.54
CA GLY F 39 -11.63 8.88 -28.81
C GLY F 39 -10.15 8.59 -28.86
N GLY F 40 -9.80 7.35 -29.13
CA GLY F 40 -8.39 6.95 -29.25
C GLY F 40 -7.91 6.24 -27.98
N PHE F 41 -7.11 6.96 -27.18
CA PHE F 41 -6.46 6.39 -26.01
C PHE F 41 -7.29 6.67 -24.75
N LYS F 42 -6.94 5.99 -23.67
CA LYS F 42 -7.62 6.16 -22.40
C LYS F 42 -6.91 7.25 -21.60
N LEU F 43 -7.64 8.33 -21.29
CA LEU F 43 -7.04 9.55 -20.78
C LEU F 43 -6.32 9.34 -19.45
N GLY F 44 -7.06 8.99 -18.41
CA GLY F 44 -6.47 8.75 -17.11
C GLY F 44 -5.93 9.99 -16.44
N GLY F 45 -5.60 9.89 -15.15
CA GLY F 45 -5.04 11.03 -14.44
C GLY F 45 -3.59 11.31 -14.76
N GLY F 46 -2.85 10.31 -15.24
CA GLY F 46 -1.45 10.52 -15.57
C GLY F 46 -1.26 11.53 -16.68
N PHE F 47 -2.08 11.44 -17.73
CA PHE F 47 -1.98 12.40 -18.82
C PHE F 47 -2.32 13.81 -18.36
N LEU F 48 -3.34 13.93 -17.50
CA LEU F 48 -3.74 15.26 -17.03
C LEU F 48 -2.65 15.87 -16.16
N LEU F 49 -2.06 15.08 -15.26
CA LEU F 49 -0.92 15.57 -14.50
C LEU F 49 0.24 15.94 -15.40
N ALA F 50 0.51 15.12 -16.43
CA ALA F 50 1.60 15.41 -17.34
C ALA F 50 1.38 16.74 -18.04
N PHE F 51 0.18 16.97 -18.55
CA PHE F 51 -0.09 18.20 -19.28
C PHE F 51 -0.03 19.41 -18.35
N GLY F 52 -0.61 19.30 -17.15
CA GLY F 52 -0.55 20.40 -16.21
C GLY F 52 0.86 20.73 -15.78
N LEU F 53 1.67 19.69 -15.51
CA LEU F 53 3.05 19.90 -15.10
C LEU F 53 3.88 20.49 -16.23
N ILE F 54 3.63 20.06 -17.47
CA ILE F 54 4.32 20.67 -18.61
C ILE F 54 3.98 22.14 -18.71
N THR F 55 2.70 22.47 -18.54
CA THR F 55 2.30 23.87 -18.59
C THR F 55 2.98 24.68 -17.49
N GLU F 56 2.99 24.15 -16.26
CA GLU F 56 3.67 24.86 -15.17
C GLU F 56 5.15 25.03 -15.45
N ALA F 57 5.79 24.00 -16.00
CA ALA F 57 7.21 24.11 -16.34
C ALA F 57 7.46 25.17 -17.40
N ILE F 58 6.60 25.23 -18.42
CA ILE F 58 6.80 26.20 -19.49
C ILE F 58 6.65 27.62 -18.95
N ILE F 59 5.60 27.89 -18.18
CA ILE F 59 5.49 29.25 -17.63
C ILE F 59 6.52 29.56 -16.56
N PHE F 60 6.96 28.60 -15.76
CA PHE F 60 8.06 28.88 -14.84
C PHE F 60 9.33 29.23 -15.60
N PHE F 61 9.56 28.58 -16.73
CA PHE F 61 10.72 28.93 -17.56
C PHE F 61 10.55 30.29 -18.20
N ILE F 62 9.39 30.54 -18.81
CA ILE F 62 9.20 31.81 -19.53
C ILE F 62 9.18 32.98 -18.55
N SER F 63 8.51 32.83 -17.42
CA SER F 63 8.46 33.91 -16.44
C SER F 63 9.79 34.18 -15.77
N ALA F 64 10.78 33.30 -15.93
CA ALA F 64 12.10 33.55 -15.38
C ALA F 64 12.76 34.74 -16.07
N PHE F 65 12.58 34.87 -17.38
CA PHE F 65 13.19 35.94 -18.15
C PHE F 65 12.13 37.01 -18.43
N GLU F 66 11.91 37.87 -17.46
CA GLU F 66 10.98 38.99 -17.60
C GLU F 66 11.55 40.26 -16.99
N LYS G 9 19.27 40.29 -7.35
CA LYS G 9 17.95 40.80 -7.68
C LYS G 9 17.34 40.04 -8.85
N LYS G 10 17.90 40.23 -10.05
CA LYS G 10 17.51 39.47 -11.22
C LYS G 10 18.08 38.08 -11.24
N ILE G 11 19.28 37.89 -10.67
CA ILE G 11 19.89 36.56 -10.63
C ILE G 11 19.02 35.61 -9.83
N PHE G 12 18.49 36.07 -8.69
CA PHE G 12 17.68 35.18 -7.85
C PHE G 12 16.36 34.85 -8.52
N GLN G 13 15.74 35.82 -9.19
CA GLN G 13 14.50 35.55 -9.90
C GLN G 13 14.72 34.56 -11.04
N MET G 14 15.78 34.76 -11.82
CA MET G 14 16.08 33.83 -12.91
C MET G 14 16.39 32.44 -12.38
N ALA G 15 17.16 32.36 -11.29
CA ALA G 15 17.50 31.06 -10.72
C ALA G 15 16.26 30.38 -10.18
N TYR G 16 15.36 31.12 -9.53
CA TYR G 16 14.12 30.54 -9.05
C TYR G 16 13.30 29.99 -10.20
N GLY G 17 13.14 30.78 -11.27
CA GLY G 17 12.35 30.30 -12.40
C GLY G 17 12.94 29.06 -13.04
N ILE G 18 14.25 29.08 -13.31
CA ILE G 18 14.85 27.94 -14.00
C ILE G 18 14.88 26.71 -13.11
N GLY G 19 15.21 26.88 -11.83
CA GLY G 19 15.20 25.74 -10.92
C GLY G 19 13.82 25.17 -10.72
N ALA G 20 12.80 26.02 -10.68
CA ALA G 20 11.43 25.52 -10.58
C ALA G 20 11.03 24.75 -11.82
N SER G 21 11.37 25.27 -13.00
CA SER G 21 11.09 24.54 -14.22
C SER G 21 11.78 23.17 -14.20
N ILE G 22 13.04 23.13 -13.79
CA ILE G 22 13.78 21.87 -13.78
C ILE G 22 13.16 20.90 -12.77
N VAL G 23 12.80 21.39 -11.58
CA VAL G 23 12.32 20.48 -10.55
C VAL G 23 10.94 19.93 -10.90
N ILE G 24 10.06 20.75 -11.49
CA ILE G 24 8.76 20.18 -11.83
C ILE G 24 8.81 19.41 -13.14
N LEU G 25 9.80 19.66 -14.01
CA LEU G 25 10.04 18.76 -15.12
C LEU G 25 10.53 17.40 -14.61
N GLY G 26 11.37 17.40 -13.58
CA GLY G 26 11.77 16.16 -12.95
C GLY G 26 10.62 15.46 -12.25
N ALA G 27 9.71 16.24 -11.67
CA ALA G 27 8.49 15.67 -11.10
C ALA G 27 7.65 15.01 -12.18
N LEU G 28 7.55 15.65 -13.35
CA LEU G 28 6.87 15.05 -14.49
C LEU G 28 7.54 13.75 -14.92
N PHE G 29 8.88 13.75 -14.97
CA PHE G 29 9.60 12.54 -15.37
C PHE G 29 9.41 11.42 -14.36
N LYS G 30 9.38 11.75 -13.07
CA LYS G 30 9.14 10.73 -12.06
C LYS G 30 7.70 10.23 -12.10
N ILE G 31 6.75 11.10 -12.45
CA ILE G 31 5.34 10.70 -12.56
C ILE G 31 5.17 9.70 -13.69
N LEU G 32 5.70 10.03 -14.87
CA LEU G 32 5.58 9.18 -16.05
C LEU G 32 6.70 8.16 -16.15
N HIS G 33 7.68 8.22 -15.25
CA HIS G 33 8.75 7.22 -15.16
C HIS G 33 9.62 7.21 -16.41
N TRP G 34 9.89 8.41 -16.94
CA TRP G 34 10.73 8.56 -18.12
C TRP G 34 12.21 8.54 -17.74
N GLU G 35 13.03 8.12 -18.70
CA GLU G 35 14.48 8.08 -18.57
C GLU G 35 15.13 8.74 -19.77
N ILE G 36 14.63 9.92 -20.16
CA ILE G 36 15.04 10.60 -21.39
C ILE G 36 16.55 10.78 -21.42
N ASP G 37 17.20 10.19 -22.42
CA ASP G 37 18.65 10.24 -22.59
C ASP G 37 18.95 10.96 -23.90
N PHE G 38 19.19 12.27 -23.82
CA PHE G 38 19.63 13.04 -24.97
C PHE G 38 21.11 13.38 -24.92
N GLY G 39 21.71 13.38 -23.73
CA GLY G 39 23.13 13.63 -23.60
C GLY G 39 23.71 13.03 -22.33
N GLY G 40 24.87 12.41 -22.44
CA GLY G 40 25.49 11.82 -21.26
C GLY G 40 24.82 10.54 -20.84
N PHE G 41 24.60 10.39 -19.54
CA PHE G 41 24.02 9.17 -18.99
C PHE G 41 22.51 9.29 -18.94
N LYS G 42 21.85 8.34 -18.28
CA LYS G 42 20.40 8.36 -18.13
C LYS G 42 20.02 9.50 -17.20
N LEU G 43 19.29 10.49 -17.74
CA LEU G 43 18.89 11.64 -16.95
C LEU G 43 18.00 11.23 -15.79
N GLY G 44 16.82 10.69 -16.09
CA GLY G 44 15.90 10.29 -15.06
C GLY G 44 15.17 11.48 -14.46
N GLY G 45 14.24 11.17 -13.56
CA GLY G 45 13.53 12.22 -12.85
C GLY G 45 14.18 12.54 -11.54
N GLY G 46 14.89 11.56 -10.98
CA GLY G 46 15.58 11.78 -9.72
C GLY G 46 16.67 12.84 -9.83
N PHE G 47 17.47 12.79 -10.90
CA PHE G 47 18.53 13.76 -11.07
C PHE G 47 17.98 15.17 -11.26
N LEU G 48 16.93 15.32 -12.07
CA LEU G 48 16.35 16.64 -12.27
C LEU G 48 15.72 17.16 -10.99
N LEU G 49 15.04 16.28 -10.24
CA LEU G 49 14.48 16.68 -8.95
C LEU G 49 15.58 17.15 -8.00
N ALA G 50 16.67 16.40 -7.92
CA ALA G 50 17.77 16.78 -7.03
C ALA G 50 18.35 18.12 -7.43
N PHE G 51 18.62 18.30 -8.72
CA PHE G 51 19.19 19.56 -9.19
C PHE G 51 18.27 20.74 -8.88
N GLY G 52 17.00 20.64 -9.26
CA GLY G 52 16.08 21.74 -9.04
C GLY G 52 15.85 22.03 -7.57
N LEU G 53 15.63 20.99 -6.76
CA LEU G 53 15.35 21.21 -5.35
C LEU G 53 16.56 21.76 -4.62
N ILE G 54 17.76 21.33 -4.98
CA ILE G 54 18.97 21.88 -4.37
C ILE G 54 19.14 23.34 -4.75
N THR G 55 18.97 23.66 -6.04
CA THR G 55 19.15 25.05 -6.44
C THR G 55 17.99 25.94 -5.98
N GLU G 56 16.90 25.35 -5.52
CA GLU G 56 15.83 26.14 -4.89
C GLU G 56 16.08 26.35 -3.41
N ALA G 57 16.52 25.30 -2.70
CA ALA G 57 16.85 25.44 -1.29
C ALA G 57 18.00 26.42 -1.10
N ILE G 58 19.00 26.36 -1.97
CA ILE G 58 20.12 27.31 -1.88
C ILE G 58 19.63 28.74 -2.06
N ILE G 59 18.79 28.95 -3.07
CA ILE G 59 18.30 30.31 -3.36
C ILE G 59 17.47 30.83 -2.20
N PHE G 60 16.60 29.99 -1.63
CA PHE G 60 15.78 30.44 -0.52
C PHE G 60 16.61 30.69 0.73
N PHE G 61 17.66 29.91 0.95
CA PHE G 61 18.55 30.16 2.08
C PHE G 61 19.25 31.51 1.95
N ILE G 62 19.82 31.79 0.77
CA ILE G 62 20.58 33.02 0.60
C ILE G 62 19.64 34.23 0.63
N SER G 63 18.44 34.09 0.07
CA SER G 63 17.49 35.19 0.07
C SER G 63 16.95 35.52 1.45
N ALA G 64 17.19 34.67 2.44
CA ALA G 64 16.78 34.95 3.81
C ALA G 64 17.65 36.01 4.47
N PHE G 65 18.78 36.38 3.87
CA PHE G 65 19.68 37.36 4.44
C PHE G 65 19.85 38.57 3.52
#